data_5WGZ
#
_entry.id   5WGZ
#
_cell.length_a   79.093
_cell.length_b   120.651
_cell.length_c   170.849
_cell.angle_alpha   90.000
_cell.angle_beta   90.000
_cell.angle_gamma   90.000
#
_symmetry.space_group_name_H-M   'I 2 2 2'
#
loop_
_entity.id
_entity.type
_entity.pdbx_description
1 polymer 'Flavin-dependent halogenase'
2 non-polymer 'FLAVIN-ADENINE DINUCLEOTIDE'
3 non-polymer 'CADMIUM ION'
4 non-polymer 'ZINC ION'
5 non-polymer 'SULFATE ION'
6 non-polymer 'CHLORIDE ION'
7 non-polymer (5aS,12aS,13aS)-8-chloro-12,12-dimethyl-2,3,11,12,12a,13-hexahydro-1H,5H,6H-5a,13a-(epiminomethano)indolizino[7,6-b]carbazol-14-one
8 water water
#
_entity_poly.entity_id   1
_entity_poly.type   'polypeptide(L)'
_entity_poly.pdbx_seq_one_letter_code
;MAPTPKYTFTERAAAGNLSDAEILNSNNPTGSELPDESDVVVGGAGIHGLIYALHASKYKPNNLKISVIEKNTRPGYKIG
ESTLPIFYTWCKLHGISAAYLLRLFGLKDGLCFYFLDRENQGQYTDFCSVGAPGLVLASLQIERPMSELLFTILAQRNGV
NVYHGREVDFKSTVVQGGGQGNKIAVSRGKYDSTPKTIDSALFVDATGRFRQFCSKKAPRHRFDGWNCNAFWGYFTAPKD
ESKIPFDLYEGDHTNHLCFPEGWVWVIRLPSWEGSPIANLMDMVTYILECADAGVPGDELPSSEELARMFGLKFQWVTSI
GFAVRNDVKYPEDLSAYGTREAEQKFNYFVQKYELLQQFMSNFELIENLYGPGTTWFIRKTLAYQSPVVSGPGWLAIGDA
CGFTNPLYSPGINVGMSTSTWAAQLSHPIVEIGKSAPADAAESSIRKLLVPYDDYCKSLVPALEQMNRFNYVCYRDTRLG
PQVACLWQFFAGIERYLSDVNIETFAHYAIKWVWGAMVPEYQQVAQKCIEHIETVPLDERLPDAMVDELLAFSNRIKSAA
VAADDFSLRWDAILRSFDRSLNFVEGKTSRDIYTRQCSGCGAWLQLRPDWKKCHSCGLLGTEPQTAVTFDPPLTAEEEAL
LYAAWNTAPKYDPSKELKLPTPTRPAA
;
_entity_poly.pdbx_strand_id   A
#
loop_
_chem_comp.id
_chem_comp.type
_chem_comp.name
_chem_comp.formula
CD non-polymer 'CADMIUM ION' 'Cd 2'
CL non-polymer 'CHLORIDE ION' 'Cl -1'
FAD non-polymer 'FLAVIN-ADENINE DINUCLEOTIDE' 'C27 H33 N9 O15 P2'
IM7 non-polymer (5aS,12aS,13aS)-8-chloro-12,12-dimethyl-2,3,11,12,12a,13-hexahydro-1H,5H,6H-5a,13a-(epiminomethano)indolizino[7,6-b]carbazol-14-one 'C21 H24 Cl N3 O'
SO4 non-polymer 'SULFATE ION' 'O4 S -2'
ZN non-polymer 'ZINC ION' 'Zn 2'
#
# COMPACT_ATOMS: atom_id res chain seq x y z
N PRO A 3 -1.11 16.09 -26.16
CA PRO A 3 -1.82 14.93 -26.75
C PRO A 3 -3.31 15.15 -26.84
N THR A 4 -3.87 14.94 -28.03
CA THR A 4 -5.31 14.97 -28.19
C THR A 4 -5.91 13.68 -27.64
N PRO A 5 -6.98 13.75 -26.84
CA PRO A 5 -7.54 12.52 -26.26
C PRO A 5 -8.10 11.62 -27.34
N LYS A 6 -7.79 10.32 -27.23
CA LYS A 6 -8.31 9.30 -28.12
C LYS A 6 -9.34 8.46 -27.37
N TYR A 7 -10.32 7.95 -28.12
CA TYR A 7 -11.42 7.16 -27.58
C TYR A 7 -11.39 5.75 -28.17
N THR A 8 -10.18 5.21 -28.28
CA THR A 8 -9.97 3.95 -28.99
C THR A 8 -10.81 2.81 -28.40
N PHE A 9 -10.74 2.65 -27.08
CA PHE A 9 -11.35 1.47 -26.48
C PHE A 9 -12.86 1.63 -26.34
N THR A 10 -13.33 2.83 -26.01
CA THR A 10 -14.76 3.06 -25.97
C THR A 10 -15.41 2.70 -27.29
N GLU A 11 -14.79 3.09 -28.40
CA GLU A 11 -15.37 2.82 -29.71
C GLU A 11 -15.20 1.36 -30.13
N ARG A 12 -14.04 0.76 -29.82
CA ARG A 12 -13.83 -0.65 -30.12
C ARG A 12 -14.84 -1.52 -29.37
N ALA A 13 -15.12 -1.18 -28.11
CA ALA A 13 -16.09 -1.95 -27.32
C ALA A 13 -17.48 -1.85 -27.92
N ALA A 14 -17.89 -0.66 -28.33
CA ALA A 14 -19.21 -0.50 -28.93
C ALA A 14 -19.29 -1.17 -30.30
N ALA A 15 -18.23 -1.03 -31.11
CA ALA A 15 -18.26 -1.55 -32.47
C ALA A 15 -18.39 -3.07 -32.48
N GLY A 16 -17.67 -3.76 -31.60
CA GLY A 16 -17.74 -5.19 -31.53
C GLY A 16 -18.62 -5.74 -30.42
N ASN A 17 -19.35 -4.87 -29.70
CA ASN A 17 -20.18 -5.29 -28.57
C ASN A 17 -19.41 -6.17 -27.59
N LEU A 18 -18.23 -5.69 -27.17
CA LEU A 18 -17.30 -6.51 -26.43
C LEU A 18 -17.61 -6.51 -24.94
N SER A 19 -17.48 -7.67 -24.32
CA SER A 19 -17.57 -7.77 -22.88
C SER A 19 -16.37 -7.06 -22.23
N ASP A 20 -16.46 -6.90 -20.91
CA ASP A 20 -15.39 -6.23 -20.16
C ASP A 20 -14.04 -6.94 -20.33
N ALA A 21 -14.03 -8.26 -20.24
CA ALA A 21 -12.76 -8.97 -20.34
C ALA A 21 -12.20 -8.88 -21.75
N GLU A 22 -13.07 -8.90 -22.76
CA GLU A 22 -12.60 -8.88 -24.15
C GLU A 22 -12.00 -7.53 -24.52
N ILE A 23 -12.58 -6.42 -24.05
CA ILE A 23 -12.01 -5.13 -24.39
C ILE A 23 -10.67 -4.93 -23.69
N LEU A 24 -10.55 -5.43 -22.46
CA LEU A 24 -9.29 -5.36 -21.73
C LEU A 24 -8.22 -6.19 -22.44
N ASN A 25 -8.54 -7.44 -22.77
CA ASN A 25 -7.56 -8.33 -23.37
C ASN A 25 -7.18 -7.91 -24.78
N SER A 26 -8.01 -7.09 -25.45
CA SER A 26 -7.66 -6.63 -26.79
C SER A 26 -6.47 -5.68 -26.78
N ASN A 27 -6.10 -5.12 -25.63
CA ASN A 27 -4.95 -4.26 -25.56
C ASN A 27 -3.65 -5.01 -25.33
N ASN A 28 -3.65 -6.33 -25.44
CA ASN A 28 -2.43 -7.08 -25.18
C ASN A 28 -1.50 -7.04 -26.39
N PRO A 29 -0.19 -6.97 -26.17
CA PRO A 29 0.74 -6.93 -27.30
C PRO A 29 0.69 -8.17 -28.17
N THR A 30 0.59 -9.36 -27.59
CA THR A 30 0.55 -10.58 -28.40
C THR A 30 -0.87 -10.99 -28.79
N GLY A 31 -1.88 -10.28 -28.34
CA GLY A 31 -3.24 -10.52 -28.79
C GLY A 31 -4.17 -10.90 -27.64
N SER A 32 -5.45 -10.99 -28.00
CA SER A 32 -6.51 -11.21 -27.02
C SER A 32 -6.60 -12.67 -26.56
N GLU A 33 -6.11 -13.62 -27.35
CA GLU A 33 -6.09 -15.02 -26.94
C GLU A 33 -4.77 -15.35 -26.23
N LEU A 34 -4.80 -16.44 -25.46
CA LEU A 34 -3.62 -16.82 -24.69
C LEU A 34 -2.53 -17.32 -25.62
N PRO A 35 -1.27 -17.09 -25.27
CA PRO A 35 -0.16 -17.69 -26.03
C PRO A 35 0.03 -19.16 -25.67
N ASP A 36 0.57 -19.91 -26.63
CA ASP A 36 0.89 -21.31 -26.39
C ASP A 36 2.04 -21.46 -25.39
N GLU A 37 2.92 -20.46 -25.32
CA GLU A 37 4.09 -20.58 -24.47
C GLU A 37 4.51 -19.21 -23.98
N SER A 38 5.19 -19.20 -22.85
CA SER A 38 5.62 -17.98 -22.19
C SER A 38 6.81 -18.34 -21.33
N ASP A 39 7.63 -17.34 -20.99
CA ASP A 39 8.68 -17.63 -20.01
C ASP A 39 8.07 -17.68 -18.60
N VAL A 40 7.32 -16.65 -18.22
CA VAL A 40 6.71 -16.56 -16.90
C VAL A 40 5.19 -16.51 -17.07
N VAL A 41 4.49 -17.29 -16.26
CA VAL A 41 3.04 -17.16 -16.10
C VAL A 41 2.80 -16.70 -14.67
N VAL A 42 2.04 -15.63 -14.51
CA VAL A 42 1.73 -15.06 -13.20
C VAL A 42 0.27 -15.37 -12.90
N GLY A 43 0.04 -16.12 -11.83
CA GLY A 43 -1.32 -16.37 -11.41
C GLY A 43 -1.83 -15.21 -10.58
N GLY A 44 -2.73 -14.41 -11.15
CA GLY A 44 -3.37 -13.32 -10.41
C GLY A 44 -2.86 -11.95 -10.84
N ALA A 45 -3.77 -11.03 -11.15
CA ALA A 45 -3.39 -9.65 -11.45
C ALA A 45 -3.93 -8.71 -10.39
N GLY A 46 -3.70 -9.05 -9.12
CA GLY A 46 -3.80 -8.08 -8.06
C GLY A 46 -2.64 -7.11 -8.18
N ILE A 47 -2.46 -6.29 -7.15
CA ILE A 47 -1.44 -5.26 -7.25
C ILE A 47 -0.05 -5.88 -7.32
N HIS A 48 0.19 -6.97 -6.59
CA HIS A 48 1.54 -7.51 -6.58
C HIS A 48 1.86 -8.29 -7.85
N GLY A 49 0.91 -9.05 -8.38
CA GLY A 49 1.17 -9.71 -9.66
C GLY A 49 1.56 -8.73 -10.74
N LEU A 50 0.96 -7.53 -10.72
CA LEU A 50 1.25 -6.51 -11.71
C LEU A 50 2.53 -5.73 -11.39
N ILE A 51 2.78 -5.46 -10.11
CA ILE A 51 4.07 -4.89 -9.72
C ILE A 51 5.20 -5.81 -10.17
N TYR A 52 5.03 -7.12 -9.96
CA TYR A 52 6.02 -8.09 -10.39
C TYR A 52 6.27 -7.98 -11.89
N ALA A 53 5.20 -8.05 -12.69
CA ALA A 53 5.38 -8.09 -14.13
C ALA A 53 5.97 -6.78 -14.64
N LEU A 54 5.58 -5.66 -14.03
CA LEU A 54 6.11 -4.37 -14.45
C LEU A 54 7.58 -4.24 -14.08
N HIS A 55 7.96 -4.66 -12.87
CA HIS A 55 9.34 -4.50 -12.47
C HIS A 55 10.24 -5.46 -13.23
N ALA A 56 9.76 -6.67 -13.52
CA ALA A 56 10.56 -7.62 -14.29
C ALA A 56 10.89 -7.07 -15.67
N SER A 57 9.87 -6.55 -16.37
CA SER A 57 10.09 -6.03 -17.71
C SER A 57 10.93 -4.76 -17.67
N LYS A 58 10.68 -3.90 -16.69
CA LYS A 58 11.44 -2.65 -16.62
C LYS A 58 12.88 -2.89 -16.19
N TYR A 59 13.08 -3.85 -15.28
CA TYR A 59 14.44 -4.16 -14.84
C TYR A 59 15.33 -4.56 -16.02
N LYS A 60 14.79 -5.35 -16.95
CA LYS A 60 15.56 -5.81 -18.11
C LYS A 60 14.60 -6.03 -19.27
N PRO A 61 14.38 -5.00 -20.11
CA PRO A 61 13.35 -5.10 -21.14
C PRO A 61 13.65 -6.16 -22.20
N ASN A 62 12.58 -6.75 -22.72
CA ASN A 62 12.62 -7.67 -23.87
C ASN A 62 13.42 -8.93 -23.57
N ASN A 63 13.48 -9.34 -22.31
CA ASN A 63 14.18 -10.56 -21.95
C ASN A 63 13.24 -11.71 -21.62
N LEU A 64 12.13 -11.44 -20.97
CA LEU A 64 11.16 -12.46 -20.59
C LEU A 64 9.82 -12.19 -21.25
N LYS A 65 9.20 -13.24 -21.79
CA LYS A 65 7.78 -13.21 -22.16
C LYS A 65 6.97 -13.49 -20.90
N ILE A 66 6.11 -12.55 -20.52
CA ILE A 66 5.36 -12.62 -19.28
C ILE A 66 3.87 -12.54 -19.60
N SER A 67 3.10 -13.49 -19.07
CA SER A 67 1.65 -13.46 -19.15
C SER A 67 1.06 -13.52 -17.75
N VAL A 68 0.10 -12.62 -17.48
CA VAL A 68 -0.57 -12.54 -16.19
C VAL A 68 -2.02 -12.97 -16.38
N ILE A 69 -2.47 -13.91 -15.54
CA ILE A 69 -3.81 -14.50 -15.62
C ILE A 69 -4.61 -14.02 -14.43
N GLU A 70 -5.77 -13.37 -14.68
CA GLU A 70 -6.62 -12.85 -13.62
C GLU A 70 -8.07 -13.29 -13.83
N LYS A 71 -8.68 -13.83 -12.79
CA LYS A 71 -10.00 -14.43 -12.98
C LYS A 71 -11.11 -13.39 -12.99
N ASN A 72 -10.93 -12.24 -12.33
CA ASN A 72 -11.90 -11.16 -12.44
C ASN A 72 -12.02 -10.72 -13.90
N THR A 73 -13.24 -10.34 -14.29
CA THR A 73 -13.49 -9.92 -15.66
C THR A 73 -12.95 -8.51 -15.93
N ARG A 74 -12.91 -7.67 -14.91
CA ARG A 74 -12.22 -6.39 -14.91
C ARG A 74 -11.56 -6.26 -13.55
N PRO A 75 -10.59 -5.33 -13.39
CA PRO A 75 -9.97 -5.14 -12.07
C PRO A 75 -10.99 -5.04 -10.95
N GLY A 76 -10.91 -5.94 -9.98
CA GLY A 76 -11.94 -6.04 -8.96
C GLY A 76 -11.65 -5.22 -7.72
N TYR A 77 -12.68 -5.10 -6.87
CA TYR A 77 -12.52 -4.43 -5.59
C TYR A 77 -11.50 -5.16 -4.71
N LYS A 78 -10.66 -4.39 -4.04
CA LYS A 78 -9.77 -4.88 -3.00
C LYS A 78 -9.76 -3.87 -1.85
N ILE A 79 -9.72 -4.35 -0.61
CA ILE A 79 -9.31 -3.49 0.48
C ILE A 79 -7.79 -3.34 0.42
N GLY A 80 -7.27 -2.24 0.95
CA GLY A 80 -5.84 -1.98 0.91
C GLY A 80 -5.54 -0.78 0.05
N GLU A 81 -5.75 0.41 0.61
CA GLU A 81 -5.81 1.64 -0.17
C GLU A 81 -4.68 2.64 0.12
N SER A 82 -4.01 2.53 1.27
CA SER A 82 -2.99 3.50 1.62
C SER A 82 -1.62 3.03 1.18
N THR A 83 -0.87 3.92 0.51
CA THR A 83 0.48 3.64 0.05
C THR A 83 1.45 4.67 0.61
N LEU A 84 2.74 4.35 0.52
CA LEU A 84 3.78 5.08 1.23
C LEU A 84 4.82 5.61 0.25
N PRO A 85 5.79 6.42 0.69
CA PRO A 85 6.79 6.97 -0.24
C PRO A 85 7.52 5.93 -1.10
N ILE A 86 7.79 4.74 -0.57
CA ILE A 86 8.51 3.76 -1.38
C ILE A 86 7.69 3.38 -2.61
N PHE A 87 6.37 3.35 -2.46
CA PHE A 87 5.49 2.97 -3.56
C PHE A 87 5.44 4.07 -4.62
N TYR A 88 5.24 5.31 -4.18
CA TYR A 88 5.28 6.43 -5.11
C TYR A 88 6.61 6.46 -5.86
N THR A 89 7.72 6.30 -5.14
CA THR A 89 9.03 6.30 -5.77
C THR A 89 9.11 5.24 -6.87
N TRP A 90 8.60 4.04 -6.59
CA TRP A 90 8.53 3.00 -7.61
C TRP A 90 7.71 3.45 -8.81
N CYS A 91 6.55 4.09 -8.57
CA CYS A 91 5.75 4.60 -9.69
C CYS A 91 6.52 5.67 -10.47
N LYS A 92 7.22 6.55 -9.77
CA LYS A 92 8.01 7.57 -10.43
C LYS A 92 9.14 6.94 -11.25
N LEU A 93 9.81 5.94 -10.68
CA LEU A 93 10.85 5.22 -11.42
C LEU A 93 10.29 4.49 -12.64
N HIS A 94 9.00 4.17 -12.62
CA HIS A 94 8.35 3.56 -13.77
C HIS A 94 7.68 4.59 -14.68
N GLY A 95 7.98 5.88 -14.50
CA GLY A 95 7.56 6.90 -15.45
C GLY A 95 6.24 7.60 -15.18
N ILE A 96 5.68 7.52 -13.96
CA ILE A 96 4.44 8.21 -13.62
C ILE A 96 4.66 8.98 -12.32
N SER A 97 4.74 10.31 -12.41
CA SER A 97 4.97 11.15 -11.24
C SER A 97 3.65 11.69 -10.67
N ALA A 98 3.77 12.58 -9.68
CA ALA A 98 2.62 12.91 -8.84
C ALA A 98 1.52 13.64 -9.62
N ALA A 99 1.89 14.50 -10.59
CA ALA A 99 0.87 15.26 -11.30
C ALA A 99 -0.14 14.35 -11.99
N TYR A 100 0.30 13.20 -12.47
CA TYR A 100 -0.56 12.28 -13.18
C TYR A 100 -1.27 11.32 -12.23
N LEU A 101 -0.56 10.83 -11.20
CA LEU A 101 -1.17 9.92 -10.24
C LEU A 101 -2.28 10.61 -9.44
N LEU A 102 -2.09 11.88 -9.09
CA LEU A 102 -3.11 12.60 -8.34
C LEU A 102 -4.41 12.78 -9.13
N ARG A 103 -4.37 12.62 -10.45
CA ARG A 103 -5.62 12.67 -11.23
C ARG A 103 -6.51 11.48 -10.92
N LEU A 104 -5.90 10.33 -10.59
CA LEU A 104 -6.62 9.08 -10.38
C LEU A 104 -6.84 8.76 -8.92
N PHE A 105 -5.91 9.16 -8.07
CA PHE A 105 -5.83 8.71 -6.69
C PHE A 105 -5.87 9.91 -5.76
N GLY A 106 -6.13 9.62 -4.48
CA GLY A 106 -6.18 10.68 -3.48
C GLY A 106 -4.80 11.05 -2.96
N LEU A 107 -4.63 12.34 -2.67
CA LEU A 107 -3.40 12.79 -2.03
C LEU A 107 -3.32 12.28 -0.60
N LYS A 108 -2.13 11.80 -0.22
CA LYS A 108 -1.84 11.41 1.15
C LYS A 108 -0.63 12.18 1.63
N ASP A 109 -0.80 12.89 2.75
CA ASP A 109 0.25 13.70 3.37
C ASP A 109 0.49 13.19 4.80
N GLY A 110 1.13 12.05 4.92
CA GLY A 110 1.50 11.59 6.25
C GLY A 110 0.47 10.73 6.94
N LEU A 111 0.80 10.42 8.20
CA LEU A 111 0.02 9.52 9.04
C LEU A 111 -0.30 10.25 10.33
N CYS A 112 -1.55 10.15 10.78
CA CYS A 112 -1.96 10.78 12.02
C CYS A 112 -2.72 9.77 12.87
N PHE A 113 -2.50 9.85 14.17
CA PHE A 113 -3.04 8.90 15.12
C PHE A 113 -3.72 9.68 16.23
N TYR A 114 -4.90 9.21 16.62
CA TYR A 114 -5.60 9.71 17.80
C TYR A 114 -5.84 8.54 18.73
N PHE A 115 -5.39 8.67 19.97
CA PHE A 115 -5.48 7.60 20.96
C PHE A 115 -6.59 7.95 21.94
N LEU A 116 -7.59 7.06 22.03
CA LEU A 116 -8.78 7.33 22.83
C LEU A 116 -8.66 6.62 24.17
N ASP A 117 -8.84 7.39 25.24
CA ASP A 117 -8.89 6.81 26.58
C ASP A 117 -10.23 6.08 26.77
N ARG A 118 -10.16 4.79 27.12
CA ARG A 118 -11.38 4.00 27.26
C ARG A 118 -12.10 4.28 28.56
N GLU A 119 -11.37 4.33 29.68
CA GLU A 119 -11.95 4.57 30.98
C GLU A 119 -12.26 6.04 31.22
N ASN A 120 -11.75 6.95 30.39
CA ASN A 120 -12.05 8.38 30.51
C ASN A 120 -12.59 8.84 29.17
N GLN A 121 -13.85 8.53 28.91
CA GLN A 121 -14.45 8.80 27.61
C GLN A 121 -14.39 10.29 27.29
N GLY A 122 -13.87 10.62 26.11
CA GLY A 122 -13.70 11.99 25.68
C GLY A 122 -12.26 12.43 25.69
N GLN A 123 -11.44 11.88 26.57
CA GLN A 123 -10.02 12.19 26.60
C GLN A 123 -9.31 11.52 25.43
N TYR A 124 -8.35 12.23 24.84
CA TYR A 124 -7.58 11.66 23.76
C TYR A 124 -6.26 12.41 23.64
N THR A 125 -5.26 11.71 23.10
CA THR A 125 -4.01 12.32 22.67
C THR A 125 -3.82 12.04 21.19
N ASP A 126 -2.75 12.57 20.61
CA ASP A 126 -2.55 12.35 19.19
C ASP A 126 -1.07 12.22 18.87
N PHE A 127 -0.80 11.79 17.65
CA PHE A 127 0.54 11.76 17.08
C PHE A 127 0.41 12.18 15.63
N CYS A 128 1.03 13.31 15.27
CA CYS A 128 0.90 13.88 13.94
C CYS A 128 2.24 13.82 13.22
N SER A 129 2.18 13.53 11.93
CA SER A 129 3.36 13.62 11.07
C SER A 129 2.91 14.04 9.69
N VAL A 130 3.77 14.79 9.00
CA VAL A 130 3.49 15.27 7.66
C VAL A 130 4.19 14.38 6.65
N GLY A 131 3.84 14.55 5.37
CA GLY A 131 4.53 13.88 4.29
C GLY A 131 5.71 14.69 3.78
N ALA A 132 5.62 15.20 2.56
CA ALA A 132 6.74 15.87 1.92
C ALA A 132 6.22 17.03 1.07
N PRO A 133 7.07 18.00 0.75
CA PRO A 133 6.66 19.06 -0.17
C PRO A 133 6.28 18.50 -1.53
N GLY A 134 5.44 19.25 -2.25
CA GLY A 134 5.00 18.81 -3.56
C GLY A 134 6.13 18.62 -4.54
N LEU A 135 7.19 19.44 -4.41
CA LEU A 135 8.37 19.31 -5.26
C LEU A 135 9.33 18.22 -4.77
N VAL A 136 8.97 17.46 -3.74
CA VAL A 136 9.79 16.34 -3.31
C VAL A 136 9.10 15.04 -3.74
N LEU A 137 7.93 14.74 -3.16
CA LEU A 137 7.17 13.55 -3.54
C LEU A 137 5.74 13.66 -2.99
N ALA A 138 4.95 12.63 -3.26
CA ALA A 138 3.60 12.50 -2.72
C ALA A 138 3.36 11.05 -2.34
N SER A 139 2.50 10.83 -1.36
CA SER A 139 1.91 9.52 -1.14
C SER A 139 0.48 9.53 -1.69
N LEU A 140 -0.10 8.33 -1.84
CA LEU A 140 -1.36 8.16 -2.55
C LEU A 140 -2.34 7.29 -1.77
N GLN A 141 -3.62 7.65 -1.83
CA GLN A 141 -4.71 6.79 -1.42
C GLN A 141 -5.37 6.27 -2.70
N ILE A 142 -5.31 4.96 -2.92
CA ILE A 142 -5.63 4.40 -4.22
C ILE A 142 -6.88 3.53 -4.13
N GLU A 143 -7.81 3.76 -5.06
CA GLU A 143 -8.89 2.80 -5.29
C GLU A 143 -8.33 1.65 -6.09
N ARG A 144 -8.43 0.44 -5.56
CA ARG A 144 -7.67 -0.68 -6.10
C ARG A 144 -8.15 -1.13 -7.48
N PRO A 145 -9.44 -1.06 -7.82
CA PRO A 145 -9.81 -1.27 -9.23
C PRO A 145 -9.12 -0.30 -10.18
N MET A 146 -8.82 0.91 -9.72
CA MET A 146 -8.16 1.88 -10.59
C MET A 146 -6.65 1.67 -10.64
N SER A 147 -6.02 1.35 -9.51
CA SER A 147 -4.58 1.07 -9.55
C SER A 147 -4.29 -0.16 -10.38
N GLU A 148 -5.13 -1.19 -10.27
CA GLU A 148 -4.86 -2.39 -11.04
C GLU A 148 -5.19 -2.22 -12.52
N LEU A 149 -6.15 -1.35 -12.84
CA LEU A 149 -6.33 -0.94 -14.23
C LEU A 149 -5.11 -0.17 -14.74
N LEU A 150 -4.67 0.83 -13.97
CA LEU A 150 -3.48 1.59 -14.35
C LEU A 150 -2.31 0.67 -14.67
N PHE A 151 -2.00 -0.25 -13.75
CA PHE A 151 -0.86 -1.14 -13.93
C PHE A 151 -1.11 -2.16 -15.03
N THR A 152 -2.37 -2.57 -15.26
CA THR A 152 -2.66 -3.44 -16.41
C THR A 152 -2.30 -2.75 -17.72
N ILE A 153 -2.78 -1.51 -17.90
CA ILE A 153 -2.53 -0.77 -19.14
C ILE A 153 -1.04 -0.51 -19.31
N LEU A 154 -0.37 -0.07 -18.24
CA LEU A 154 1.06 0.18 -18.30
C LEU A 154 1.82 -1.09 -18.63
N ALA A 155 1.42 -2.21 -18.01
CA ALA A 155 2.01 -3.50 -18.36
C ALA A 155 1.85 -3.81 -19.84
N GLN A 156 0.64 -3.65 -20.35
CA GLN A 156 0.37 -3.96 -21.75
C GLN A 156 1.20 -3.08 -22.68
N ARG A 157 1.51 -1.86 -22.25
CA ARG A 157 2.35 -0.95 -23.01
C ARG A 157 3.84 -1.24 -22.86
N ASN A 158 4.21 -2.18 -22.00
CA ASN A 158 5.61 -2.55 -21.82
C ASN A 158 5.81 -4.04 -22.05
N GLY A 159 5.11 -4.58 -23.05
CA GLY A 159 5.34 -5.93 -23.52
C GLY A 159 4.86 -7.06 -22.64
N VAL A 160 3.97 -6.78 -21.68
CA VAL A 160 3.40 -7.79 -20.80
C VAL A 160 1.95 -8.02 -21.23
N ASN A 161 1.56 -9.29 -21.37
CA ASN A 161 0.16 -9.63 -21.64
C ASN A 161 -0.58 -9.89 -20.34
N VAL A 162 -1.78 -9.31 -20.22
CA VAL A 162 -2.63 -9.48 -19.06
C VAL A 162 -3.98 -9.98 -19.56
N TYR A 163 -4.45 -11.09 -18.99
CA TYR A 163 -5.71 -11.69 -19.42
C TYR A 163 -6.69 -11.70 -18.26
N HIS A 164 -7.67 -10.81 -18.33
CA HIS A 164 -8.77 -10.83 -17.37
C HIS A 164 -9.82 -11.85 -17.81
N GLY A 165 -10.67 -12.25 -16.85
CA GLY A 165 -11.67 -13.25 -17.14
C GLY A 165 -11.12 -14.63 -17.41
N ARG A 166 -9.92 -14.93 -16.94
CA ARG A 166 -9.30 -16.22 -17.15
C ARG A 166 -8.76 -16.71 -15.82
N GLU A 167 -8.84 -18.02 -15.60
CA GLU A 167 -8.57 -18.60 -14.30
C GLU A 167 -7.55 -19.71 -14.44
N VAL A 168 -6.53 -19.70 -13.56
CA VAL A 168 -5.61 -20.82 -13.51
C VAL A 168 -6.31 -21.99 -12.83
N ASP A 169 -6.30 -23.14 -13.49
CA ASP A 169 -6.87 -24.37 -12.95
C ASP A 169 -5.77 -25.10 -12.18
N PHE A 170 -5.76 -24.93 -10.86
CA PHE A 170 -4.69 -25.51 -10.06
C PHE A 170 -4.83 -27.00 -9.84
N LYS A 171 -5.92 -27.60 -10.34
CA LYS A 171 -6.06 -29.06 -10.28
C LYS A 171 -5.30 -29.72 -11.42
N SER A 172 -5.37 -29.15 -12.63
CA SER A 172 -4.71 -29.74 -13.79
C SER A 172 -3.40 -29.07 -14.15
N THR A 173 -3.08 -27.92 -13.57
CA THR A 173 -1.80 -27.27 -13.83
C THR A 173 -0.64 -28.15 -13.35
N VAL A 174 0.42 -28.22 -14.15
CA VAL A 174 1.63 -28.95 -13.79
C VAL A 174 2.77 -27.97 -13.68
N VAL A 175 3.42 -27.94 -12.52
CA VAL A 175 4.57 -27.09 -12.24
C VAL A 175 5.75 -27.99 -11.88
N GLN A 176 6.83 -27.89 -12.65
CA GLN A 176 8.02 -28.72 -12.48
C GLN A 176 9.27 -27.90 -12.76
N GLY A 177 10.42 -28.45 -12.39
CA GLY A 177 11.69 -27.93 -12.85
C GLY A 177 12.13 -28.56 -14.17
N GLY A 178 13.14 -27.95 -14.79
CA GLY A 178 13.70 -28.52 -16.01
C GLY A 178 13.47 -27.68 -17.25
N GLY A 179 13.95 -26.44 -17.25
CA GLY A 179 13.73 -25.56 -18.38
C GLY A 179 12.29 -25.16 -18.53
N GLN A 180 11.64 -25.63 -19.59
CA GLN A 180 10.23 -25.32 -19.84
C GLN A 180 9.32 -26.41 -19.28
N GLY A 181 9.36 -26.55 -17.95
CA GLY A 181 8.71 -27.66 -17.29
C GLY A 181 7.25 -27.44 -16.94
N ASN A 182 6.77 -26.20 -16.96
CA ASN A 182 5.41 -25.93 -16.52
C ASN A 182 4.41 -26.00 -17.67
N LYS A 183 3.25 -26.57 -17.37
CA LYS A 183 2.07 -26.55 -18.24
C LYS A 183 0.93 -25.97 -17.42
N ILE A 184 0.70 -24.67 -17.56
CA ILE A 184 -0.30 -23.96 -16.76
C ILE A 184 -1.62 -24.05 -17.50
N ALA A 185 -2.61 -24.68 -16.87
CA ALA A 185 -3.93 -24.82 -17.46
C ALA A 185 -4.77 -23.60 -17.10
N VAL A 186 -5.34 -22.96 -18.12
CA VAL A 186 -6.10 -21.73 -17.96
C VAL A 186 -7.47 -21.93 -18.60
N SER A 187 -8.52 -21.62 -17.84
CA SER A 187 -9.89 -21.76 -18.31
C SER A 187 -10.63 -20.47 -18.00
N ARG A 188 -11.89 -20.42 -18.41
CA ARG A 188 -12.77 -19.33 -18.00
C ARG A 188 -13.51 -19.64 -16.71
N GLY A 189 -13.26 -20.80 -16.11
CA GLY A 189 -13.90 -21.19 -14.87
C GLY A 189 -14.14 -22.68 -14.84
N LYS A 190 -14.66 -23.13 -13.69
CA LYS A 190 -14.99 -24.55 -13.49
C LYS A 190 -15.80 -25.11 -14.66
N TYR A 191 -16.82 -24.37 -15.10
CA TYR A 191 -17.75 -24.80 -16.13
C TYR A 191 -17.11 -24.97 -17.50
N ASP A 192 -15.90 -24.43 -17.70
CA ASP A 192 -15.28 -24.35 -19.02
C ASP A 192 -14.74 -25.72 -19.42
N SER A 193 -15.23 -26.25 -20.54
CA SER A 193 -14.82 -27.55 -21.04
C SER A 193 -13.52 -27.52 -21.83
N THR A 194 -13.10 -26.35 -22.31
CA THR A 194 -11.96 -26.21 -23.23
C THR A 194 -10.91 -25.31 -22.61
N PRO A 195 -10.15 -25.81 -21.64
CA PRO A 195 -9.06 -25.02 -21.08
C PRO A 195 -7.86 -25.00 -22.01
N LYS A 196 -7.07 -23.93 -21.88
CA LYS A 196 -5.83 -23.79 -22.64
C LYS A 196 -4.64 -24.06 -21.73
N THR A 197 -3.53 -24.40 -22.35
CA THR A 197 -2.27 -24.64 -21.64
C THR A 197 -1.23 -23.64 -22.12
N ILE A 198 -0.53 -23.02 -21.17
CA ILE A 198 0.64 -22.19 -21.47
C ILE A 198 1.88 -22.96 -21.02
N ASP A 199 2.68 -23.40 -21.98
CA ASP A 199 3.97 -24.01 -21.66
C ASP A 199 4.95 -22.91 -21.26
N SER A 200 5.62 -23.10 -20.12
CA SER A 200 6.35 -22.01 -19.51
C SER A 200 7.42 -22.56 -18.59
N ALA A 201 8.31 -21.67 -18.16
CA ALA A 201 9.42 -22.03 -17.29
C ALA A 201 9.16 -21.70 -15.83
N LEU A 202 8.54 -20.56 -15.54
CA LEU A 202 8.38 -20.10 -14.16
C LEU A 202 6.93 -19.71 -13.90
N PHE A 203 6.37 -20.23 -12.82
CA PHE A 203 5.05 -19.82 -12.35
C PHE A 203 5.20 -18.95 -11.12
N VAL A 204 4.49 -17.82 -11.10
CA VAL A 204 4.49 -16.91 -9.96
C VAL A 204 3.11 -16.98 -9.31
N ASP A 205 3.07 -17.41 -8.06
CA ASP A 205 1.82 -17.42 -7.30
C ASP A 205 1.60 -16.01 -6.75
N ALA A 206 0.77 -15.23 -7.43
CA ALA A 206 0.32 -13.94 -6.91
C ALA A 206 -1.19 -13.95 -6.64
N THR A 207 -1.72 -15.08 -6.13
CA THR A 207 -3.14 -15.18 -5.85
C THR A 207 -3.52 -14.68 -4.46
N GLY A 208 -2.63 -13.93 -3.81
CA GLY A 208 -2.97 -13.28 -2.57
C GLY A 208 -3.18 -14.25 -1.41
N ARG A 209 -4.10 -13.86 -0.51
CA ARG A 209 -4.37 -14.67 0.67
C ARG A 209 -4.95 -16.03 0.32
N PHE A 210 -5.42 -16.21 -0.91
CA PHE A 210 -5.96 -17.51 -1.29
C PHE A 210 -4.86 -18.56 -1.47
N ARG A 211 -3.61 -18.14 -1.64
CA ARG A 211 -2.45 -19.05 -1.66
C ARG A 211 -2.69 -20.25 -2.57
N GLN A 212 -3.22 -19.98 -3.76
CA GLN A 212 -3.81 -21.07 -4.54
C GLN A 212 -2.77 -22.10 -4.96
N PHE A 213 -1.51 -21.71 -5.12
CA PHE A 213 -0.51 -22.72 -5.42
C PHE A 213 0.29 -23.14 -4.20
N CYS A 214 0.80 -22.18 -3.43
CA CYS A 214 1.73 -22.58 -2.37
C CYS A 214 1.03 -23.30 -1.23
N SER A 215 -0.30 -23.12 -1.06
CA SER A 215 -1.02 -23.93 -0.08
C SER A 215 -0.93 -25.41 -0.38
N LYS A 216 -0.62 -25.79 -1.64
CA LYS A 216 -0.38 -27.20 -1.95
C LYS A 216 0.92 -27.72 -1.39
N LYS A 217 1.85 -26.83 -1.02
CA LYS A 217 3.19 -27.22 -0.60
C LYS A 217 3.41 -27.14 0.91
N ALA A 218 2.56 -26.41 1.63
CA ALA A 218 2.67 -26.32 3.08
C ALA A 218 1.35 -25.78 3.63
N PRO A 219 0.91 -26.25 4.80
CA PRO A 219 -0.29 -25.67 5.41
C PRO A 219 -0.05 -24.22 5.81
N ARG A 220 -1.14 -23.46 5.86
CA ARG A 220 -1.06 -22.09 6.35
C ARG A 220 -0.59 -22.08 7.80
N HIS A 221 0.30 -21.15 8.11
CA HIS A 221 0.86 -21.03 9.45
C HIS A 221 0.28 -19.81 10.14
N ARG A 222 -0.07 -19.97 11.42
CA ARG A 222 -0.62 -18.91 12.26
C ARG A 222 0.32 -18.63 13.41
N PHE A 223 0.40 -17.36 13.81
CA PHE A 223 1.25 -16.99 14.94
C PHE A 223 0.52 -17.24 16.25
N ASP A 224 1.31 -17.40 17.32
CA ASP A 224 0.74 -17.57 18.65
C ASP A 224 -0.01 -16.31 19.08
N GLY A 225 -0.95 -16.48 20.00
CA GLY A 225 -1.66 -15.37 20.57
C GLY A 225 -2.87 -14.96 19.76
N TRP A 226 -3.41 -13.80 20.13
CA TRP A 226 -4.58 -13.30 19.46
C TRP A 226 -4.26 -12.91 18.02
N ASN A 227 -5.29 -12.96 17.19
CA ASN A 227 -5.20 -12.46 15.82
C ASN A 227 -6.19 -11.30 15.72
N CYS A 228 -6.40 -10.80 14.51
CA CYS A 228 -7.28 -9.66 14.33
C CYS A 228 -8.42 -9.99 13.38
N ASN A 229 -9.51 -9.25 13.54
CA ASN A 229 -10.64 -9.22 12.62
C ASN A 229 -10.82 -7.80 12.11
N ALA A 230 -11.35 -7.68 10.90
CA ALA A 230 -11.66 -6.37 10.33
C ALA A 230 -13.07 -6.34 9.78
N PHE A 231 -13.74 -5.20 9.96
CA PHE A 231 -15.04 -4.96 9.35
C PHE A 231 -15.10 -3.48 8.96
N TRP A 232 -15.65 -3.19 7.78
CA TRP A 232 -15.45 -1.86 7.22
C TRP A 232 -16.56 -1.56 6.21
N GLY A 233 -16.62 -0.29 5.82
CA GLY A 233 -17.56 0.17 4.83
C GLY A 233 -17.08 1.49 4.25
N TYR A 234 -17.90 2.06 3.38
CA TYR A 234 -17.54 3.27 2.65
C TYR A 234 -18.56 4.35 2.92
N PHE A 235 -18.06 5.59 3.00
CA PHE A 235 -18.83 6.71 3.50
C PHE A 235 -18.56 7.92 2.63
N THR A 236 -19.44 8.92 2.75
CA THR A 236 -19.18 10.20 2.12
C THR A 236 -17.87 10.80 2.64
N ALA A 237 -17.44 11.87 1.98
CA ALA A 237 -16.25 12.61 2.38
C ALA A 237 -16.61 14.09 2.45
N PRO A 238 -16.83 14.62 3.65
CA PRO A 238 -17.27 16.01 3.76
C PRO A 238 -16.20 17.00 3.28
N LYS A 239 -16.67 18.03 2.55
CA LYS A 239 -15.78 19.15 2.24
C LYS A 239 -15.36 19.87 3.51
N ASP A 240 -16.29 20.09 4.42
CA ASP A 240 -16.05 20.79 5.68
C ASP A 240 -15.67 19.76 6.73
N GLU A 241 -14.40 19.75 7.13
CA GLU A 241 -13.89 18.83 8.14
C GLU A 241 -13.85 19.44 9.53
N SER A 242 -14.35 20.67 9.70
CA SER A 242 -14.10 21.40 10.94
C SER A 242 -14.92 20.92 12.12
N LYS A 243 -15.96 20.09 11.90
CA LYS A 243 -16.75 19.58 13.01
C LYS A 243 -16.27 18.22 13.51
N ILE A 244 -15.24 17.67 12.89
CA ILE A 244 -14.58 16.45 13.40
C ILE A 244 -14.13 16.69 14.83
N PRO A 245 -14.37 15.77 15.76
CA PRO A 245 -14.10 16.05 17.18
C PRO A 245 -12.64 15.98 17.59
N PHE A 246 -11.69 15.84 16.68
CA PHE A 246 -10.27 15.83 17.01
C PHE A 246 -9.64 17.13 16.54
N ASP A 247 -8.93 17.80 17.45
CA ASP A 247 -8.27 19.05 17.11
C ASP A 247 -7.20 18.83 16.05
N LEU A 248 -7.10 19.78 15.10
CA LEU A 248 -6.10 19.78 14.04
C LEU A 248 -6.26 18.61 13.06
N TYR A 249 -7.48 18.08 12.93
CA TYR A 249 -7.72 16.96 12.03
C TYR A 249 -7.59 17.40 10.58
N GLU A 250 -7.00 16.54 9.75
CA GLU A 250 -6.88 16.80 8.33
C GLU A 250 -7.18 15.53 7.58
N GLY A 251 -8.01 15.63 6.54
CA GLY A 251 -8.50 14.46 5.84
C GLY A 251 -7.48 13.79 4.93
N ASP A 252 -6.42 14.50 4.55
CA ASP A 252 -5.45 13.91 3.62
C ASP A 252 -4.34 13.13 4.32
N HIS A 253 -4.46 12.87 5.62
CA HIS A 253 -3.63 11.86 6.23
C HIS A 253 -4.33 10.52 6.11
N THR A 254 -3.56 9.45 6.28
CA THR A 254 -4.16 8.19 6.73
C THR A 254 -4.34 8.35 8.22
N ASN A 255 -5.59 8.50 8.65
CA ASN A 255 -5.88 8.75 10.05
C ASN A 255 -6.16 7.45 10.78
N HIS A 256 -5.75 7.41 12.05
CA HIS A 256 -5.85 6.21 12.88
C HIS A 256 -6.53 6.59 14.18
N LEU A 257 -7.68 5.99 14.46
CA LEU A 257 -8.38 6.19 15.73
C LEU A 257 -8.11 4.95 16.58
N CYS A 258 -7.32 5.11 17.63
CA CYS A 258 -6.70 3.99 18.32
C CYS A 258 -7.23 3.87 19.74
N PHE A 259 -7.40 2.64 20.20
CA PHE A 259 -8.01 2.35 21.49
C PHE A 259 -7.56 0.95 21.90
N PRO A 260 -7.81 0.54 23.16
CA PRO A 260 -7.27 -0.75 23.61
C PRO A 260 -7.61 -1.95 22.74
N GLU A 261 -8.85 -2.04 22.23
CA GLU A 261 -9.25 -3.21 21.46
C GLU A 261 -8.68 -3.22 20.04
N GLY A 262 -8.24 -2.07 19.53
CA GLY A 262 -7.73 -2.01 18.17
C GLY A 262 -7.66 -0.60 17.63
N TRP A 263 -7.99 -0.42 16.35
CA TRP A 263 -7.90 0.91 15.77
C TRP A 263 -8.83 0.98 14.56
N VAL A 264 -9.08 2.22 14.11
CA VAL A 264 -9.95 2.51 12.98
C VAL A 264 -9.14 3.28 11.94
N TRP A 265 -9.18 2.82 10.68
CA TRP A 265 -8.56 3.58 9.61
C TRP A 265 -9.57 4.54 8.98
N VAL A 266 -9.08 5.69 8.54
CA VAL A 266 -9.89 6.69 7.86
C VAL A 266 -9.08 7.17 6.66
N ILE A 267 -9.52 6.84 5.46
CA ILE A 267 -8.78 7.15 4.23
C ILE A 267 -9.71 7.85 3.25
N ARG A 268 -9.35 9.07 2.88
CA ARG A 268 -10.10 9.84 1.90
C ARG A 268 -9.53 9.59 0.50
N LEU A 269 -10.39 9.17 -0.43
CA LEU A 269 -9.93 8.82 -1.75
C LEU A 269 -11.06 9.01 -2.76
N PRO A 270 -10.72 9.26 -4.03
CA PRO A 270 -11.75 9.32 -5.06
C PRO A 270 -12.08 7.93 -5.59
N SER A 271 -13.34 7.76 -5.98
CA SER A 271 -13.85 6.50 -6.49
C SER A 271 -14.37 6.69 -7.91
N TRP A 272 -14.01 5.77 -8.79
CA TRP A 272 -14.46 5.79 -10.18
C TRP A 272 -15.58 4.79 -10.45
N GLU A 273 -16.19 4.23 -9.40
CA GLU A 273 -17.22 3.21 -9.56
C GLU A 273 -18.40 3.74 -10.36
N GLY A 274 -18.97 2.86 -11.18
CA GLY A 274 -20.01 3.22 -12.13
C GLY A 274 -19.49 3.48 -13.52
N SER A 275 -18.19 3.62 -13.68
CA SER A 275 -17.60 3.93 -14.99
C SER A 275 -17.48 2.66 -15.83
N PRO A 276 -17.87 2.70 -17.11
CA PRO A 276 -17.59 1.57 -18.01
C PRO A 276 -16.10 1.33 -18.13
N ILE A 277 -15.73 0.06 -18.31
CA ILE A 277 -14.31 -0.30 -18.31
C ILE A 277 -13.61 0.24 -19.55
N ALA A 278 -14.28 0.25 -20.70
CA ALA A 278 -13.63 0.74 -21.92
C ALA A 278 -13.31 2.21 -21.78
N ASN A 279 -14.26 3.00 -21.26
CA ASN A 279 -14.02 4.42 -21.06
C ASN A 279 -12.85 4.65 -20.10
N LEU A 280 -12.78 3.86 -19.03
CA LEU A 280 -11.66 3.99 -18.11
C LEU A 280 -10.32 3.69 -18.81
N MET A 281 -10.30 2.68 -19.69
CA MET A 281 -9.07 2.37 -20.41
C MET A 281 -8.61 3.57 -21.23
N ASP A 282 -9.55 4.24 -21.88
CA ASP A 282 -9.19 5.42 -22.68
C ASP A 282 -8.65 6.53 -21.78
N MET A 283 -9.23 6.71 -20.61
CA MET A 283 -8.76 7.78 -19.75
C MET A 283 -7.37 7.47 -19.22
N VAL A 284 -7.14 6.23 -18.79
CA VAL A 284 -5.81 5.85 -18.31
C VAL A 284 -4.78 5.97 -19.44
N THR A 285 -5.12 5.46 -20.62
CA THR A 285 -4.20 5.56 -21.75
C THR A 285 -3.85 7.02 -22.03
N TYR A 286 -4.85 7.91 -21.94
CA TYR A 286 -4.58 9.33 -22.14
C TYR A 286 -3.66 9.89 -21.07
N ILE A 287 -3.90 9.51 -19.80
CA ILE A 287 -3.02 9.98 -18.72
C ILE A 287 -1.59 9.51 -18.95
N LEU A 288 -1.41 8.27 -19.42
CA LEU A 288 -0.06 7.77 -19.69
C LEU A 288 0.60 8.53 -20.83
N GLU A 289 -0.15 8.84 -21.88
CA GLU A 289 0.42 9.60 -22.99
C GLU A 289 0.85 10.99 -22.53
N CYS A 290 0.06 11.60 -21.63
CA CYS A 290 0.45 12.89 -21.07
C CYS A 290 1.70 12.75 -20.21
N ALA A 291 1.78 11.67 -19.43
CA ALA A 291 2.98 11.39 -18.66
C ALA A 291 4.20 11.29 -19.56
N ASP A 292 4.11 10.48 -20.63
CA ASP A 292 5.21 10.35 -21.59
C ASP A 292 5.62 11.69 -22.17
N ALA A 293 4.63 12.54 -22.49
CA ALA A 293 4.94 13.82 -23.12
C ALA A 293 5.35 14.90 -22.12
N GLY A 294 5.28 14.64 -20.82
CA GLY A 294 5.66 15.63 -19.83
C GLY A 294 4.75 16.81 -19.73
N VAL A 295 3.45 16.62 -19.93
CA VAL A 295 2.45 17.68 -19.82
C VAL A 295 2.49 18.27 -18.41
N PRO A 296 2.70 19.58 -18.26
CA PRO A 296 2.67 20.18 -16.94
C PRO A 296 1.31 20.02 -16.25
N GLY A 297 1.35 19.98 -14.92
CA GLY A 297 0.15 19.71 -14.15
C GLY A 297 -0.96 20.72 -14.41
N ASP A 298 -0.61 22.00 -14.56
CA ASP A 298 -1.64 23.00 -14.78
C ASP A 298 -2.28 22.90 -16.15
N GLU A 299 -1.62 22.23 -17.10
CA GLU A 299 -2.18 22.05 -18.43
C GLU A 299 -2.83 20.68 -18.61
N LEU A 300 -2.80 19.84 -17.59
CA LEU A 300 -3.43 18.53 -17.55
C LEU A 300 -4.87 18.66 -17.06
N PRO A 301 -5.83 18.01 -17.70
CA PRO A 301 -7.22 18.12 -17.23
C PRO A 301 -7.36 17.63 -15.80
N SER A 302 -8.28 18.23 -15.07
CA SER A 302 -8.54 17.79 -13.71
C SER A 302 -9.35 16.49 -13.73
N SER A 303 -9.38 15.83 -12.57
CA SER A 303 -10.09 14.56 -12.43
C SER A 303 -11.52 14.67 -12.95
N GLU A 304 -12.26 15.67 -12.47
CA GLU A 304 -13.63 15.85 -12.90
C GLU A 304 -13.70 16.15 -14.40
N GLU A 305 -12.70 16.89 -14.93
CA GLU A 305 -12.69 17.15 -16.37
C GLU A 305 -12.46 15.87 -17.16
N LEU A 306 -11.58 14.99 -16.66
CA LEU A 306 -11.40 13.69 -17.30
C LEU A 306 -12.69 12.89 -17.30
N ALA A 307 -13.45 12.96 -16.19
CA ALA A 307 -14.72 12.23 -16.13
C ALA A 307 -15.69 12.72 -17.19
N ARG A 308 -15.73 14.03 -17.42
CA ARG A 308 -16.59 14.56 -18.48
C ARG A 308 -16.06 14.17 -19.85
N MET A 309 -14.74 14.26 -20.06
CA MET A 309 -14.16 13.95 -21.36
C MET A 309 -14.43 12.50 -21.76
N PHE A 310 -14.27 11.56 -20.83
CA PHE A 310 -14.33 10.15 -21.16
C PHE A 310 -15.61 9.47 -20.68
N GLY A 311 -16.58 10.23 -20.17
CA GLY A 311 -17.87 9.68 -19.76
C GLY A 311 -17.76 8.74 -18.57
N LEU A 312 -17.20 9.24 -17.48
CA LEU A 312 -16.90 8.48 -16.28
C LEU A 312 -17.75 8.95 -15.12
N LYS A 313 -17.80 8.14 -14.07
CA LYS A 313 -18.41 8.51 -12.80
C LYS A 313 -17.29 8.77 -11.80
N PHE A 314 -17.39 9.88 -11.07
CA PHE A 314 -16.34 10.30 -10.16
C PHE A 314 -16.97 10.83 -8.88
N GLN A 315 -16.44 10.41 -7.73
CA GLN A 315 -16.95 10.87 -6.44
C GLN A 315 -15.88 10.70 -5.38
N TRP A 316 -16.00 11.48 -4.32
CA TRP A 316 -15.14 11.40 -3.15
C TRP A 316 -15.80 10.54 -2.09
N VAL A 317 -15.07 9.54 -1.60
CA VAL A 317 -15.55 8.66 -0.55
C VAL A 317 -14.50 8.58 0.56
N THR A 318 -14.94 8.14 1.74
CA THR A 318 -14.04 7.86 2.85
C THR A 318 -14.11 6.37 3.17
N SER A 319 -12.98 5.70 3.07
CA SER A 319 -12.87 4.32 3.54
C SER A 319 -12.69 4.32 5.05
N ILE A 320 -13.58 3.64 5.77
CA ILE A 320 -13.52 3.63 7.24
C ILE A 320 -13.72 2.21 7.70
N GLY A 321 -12.76 1.69 8.48
CA GLY A 321 -12.83 0.32 8.94
C GLY A 321 -12.20 0.13 10.30
N PHE A 322 -12.62 -0.95 10.96
CA PHE A 322 -12.08 -1.40 12.25
C PHE A 322 -11.13 -2.55 12.04
N ALA A 323 -10.00 -2.53 12.76
CA ALA A 323 -9.09 -3.67 12.82
C ALA A 323 -8.85 -3.94 14.31
N VAL A 324 -9.48 -4.98 14.84
CA VAL A 324 -9.51 -5.19 16.28
C VAL A 324 -9.11 -6.62 16.59
N ARG A 325 -8.63 -6.81 17.82
CA ARG A 325 -8.19 -8.12 18.29
C ARG A 325 -9.38 -9.08 18.33
N ASN A 326 -9.11 -10.37 18.10
CA ASN A 326 -10.16 -11.38 18.12
C ASN A 326 -10.35 -12.02 19.48
N ASP A 327 -9.83 -11.39 20.54
CA ASP A 327 -10.17 -11.78 21.91
C ASP A 327 -11.09 -10.75 22.56
N VAL A 328 -11.69 -9.87 21.75
CA VAL A 328 -12.74 -8.98 22.23
C VAL A 328 -13.99 -9.80 22.54
N LYS A 329 -14.62 -9.51 23.68
CA LYS A 329 -15.89 -10.12 24.05
C LYS A 329 -17.03 -9.28 23.49
N TYR A 330 -17.88 -9.90 22.66
CA TYR A 330 -19.06 -9.24 22.12
C TYR A 330 -20.32 -9.70 22.84
N PRO A 331 -21.31 -8.81 22.99
CA PRO A 331 -22.62 -9.26 23.46
C PRO A 331 -23.21 -10.28 22.49
N GLU A 332 -23.89 -11.28 23.06
CA GLU A 332 -24.42 -12.36 22.23
C GLU A 332 -25.41 -11.85 21.19
N ASP A 333 -26.26 -10.89 21.57
CA ASP A 333 -27.31 -10.35 20.71
C ASP A 333 -26.90 -8.94 20.27
N LEU A 334 -26.64 -8.77 18.98
CA LEU A 334 -26.32 -7.46 18.40
C LEU A 334 -27.33 -7.03 17.36
N SER A 335 -28.56 -7.57 17.40
CA SER A 335 -29.57 -7.26 16.40
C SER A 335 -29.99 -5.80 16.40
N ALA A 336 -29.68 -5.05 17.46
CA ALA A 336 -30.01 -3.63 17.52
C ALA A 336 -29.13 -2.78 16.62
N TYR A 337 -28.00 -3.32 16.13
CA TYR A 337 -27.06 -2.55 15.34
C TYR A 337 -27.05 -2.96 13.87
N GLY A 338 -28.02 -3.75 13.42
CA GLY A 338 -28.06 -4.15 12.03
C GLY A 338 -28.43 -5.60 11.82
N THR A 339 -28.50 -6.03 10.56
CA THR A 339 -28.86 -7.41 10.25
C THR A 339 -27.67 -8.26 9.78
N ARG A 340 -26.55 -7.65 9.41
CA ARG A 340 -25.35 -8.38 9.02
C ARG A 340 -24.30 -8.27 10.11
N GLU A 341 -23.44 -9.28 10.20
CA GLU A 341 -22.44 -9.31 11.27
C GLU A 341 -21.45 -8.15 11.15
N ALA A 342 -20.98 -7.85 9.93
CA ALA A 342 -20.05 -6.74 9.76
C ALA A 342 -20.68 -5.43 10.21
N GLU A 343 -21.88 -5.15 9.71
CA GLU A 343 -22.62 -3.97 10.12
C GLU A 343 -22.84 -3.94 11.64
N GLN A 344 -23.20 -5.08 12.21
CA GLN A 344 -23.50 -5.15 13.64
C GLN A 344 -22.29 -4.78 14.48
N LYS A 345 -21.12 -5.35 14.16
CA LYS A 345 -19.95 -5.11 15.00
C LYS A 345 -19.36 -3.72 14.76
N PHE A 346 -19.44 -3.24 13.52
CA PHE A 346 -19.05 -1.86 13.26
C PHE A 346 -19.87 -0.90 14.12
N ASN A 347 -21.19 -0.93 13.97
CA ASN A 347 -22.04 0.01 14.70
C ASN A 347 -21.96 -0.20 16.21
N TYR A 348 -21.76 -1.45 16.65
CA TYR A 348 -21.58 -1.69 18.08
C TYR A 348 -20.31 -1.04 18.59
N PHE A 349 -19.20 -1.17 17.86
CA PHE A 349 -17.96 -0.59 18.33
C PHE A 349 -18.01 0.93 18.33
N VAL A 350 -18.68 1.53 17.34
CA VAL A 350 -18.77 2.99 17.26
C VAL A 350 -19.40 3.55 18.54
N GLN A 351 -20.52 2.97 18.97
CA GLN A 351 -21.18 3.52 20.17
C GLN A 351 -20.48 3.16 21.46
N LYS A 352 -19.44 2.32 21.42
CA LYS A 352 -18.65 2.08 22.64
C LYS A 352 -17.72 3.25 22.98
N TYR A 353 -17.41 4.14 22.03
CA TYR A 353 -16.52 5.28 22.26
C TYR A 353 -17.23 6.54 21.81
N GLU A 354 -17.41 7.49 22.74
CA GLU A 354 -18.11 8.72 22.38
C GLU A 354 -17.36 9.48 21.28
N LEU A 355 -16.02 9.42 21.26
CA LEU A 355 -15.31 10.12 20.21
C LEU A 355 -15.51 9.45 18.86
N LEU A 356 -15.61 8.12 18.83
CA LEU A 356 -15.90 7.44 17.56
C LEU A 356 -17.30 7.81 17.06
N GLN A 357 -18.30 7.85 17.96
CA GLN A 357 -19.65 8.18 17.54
C GLN A 357 -19.74 9.63 17.08
N GLN A 358 -19.11 10.55 17.82
CA GLN A 358 -19.07 11.94 17.38
C GLN A 358 -18.32 12.08 16.06
N PHE A 359 -17.25 11.29 15.88
CA PHE A 359 -16.53 11.33 14.61
C PHE A 359 -17.39 10.82 13.47
N MET A 360 -17.99 9.63 13.65
CA MET A 360 -18.79 9.02 12.59
C MET A 360 -20.04 9.83 12.26
N SER A 361 -20.46 10.73 13.15
CA SER A 361 -21.62 11.57 12.88
C SER A 361 -21.32 12.63 11.83
N ASN A 362 -20.08 12.72 11.35
CA ASN A 362 -19.74 13.57 10.22
C ASN A 362 -19.87 12.85 8.88
N PHE A 363 -20.22 11.57 8.88
CA PHE A 363 -20.12 10.76 7.69
C PHE A 363 -21.45 10.06 7.41
N GLU A 364 -21.78 9.97 6.13
CA GLU A 364 -23.00 9.31 5.69
C GLU A 364 -22.63 8.00 5.02
N LEU A 365 -23.32 6.93 5.39
CA LEU A 365 -23.00 5.62 4.84
C LEU A 365 -23.35 5.56 3.36
N ILE A 366 -22.49 4.93 2.58
CA ILE A 366 -22.76 4.71 1.16
C ILE A 366 -23.21 3.27 1.00
N GLU A 367 -24.35 3.09 0.34
CA GLU A 367 -24.90 1.76 0.10
C GLU A 367 -24.24 1.16 -1.14
N ASN A 368 -23.61 -0.01 -0.96
CA ASN A 368 -23.26 -0.88 -2.09
C ASN A 368 -22.37 -0.17 -3.11
N LEU A 369 -21.36 0.55 -2.62
CA LEU A 369 -20.47 1.29 -3.50
C LEU A 369 -19.89 0.41 -4.59
N TYR A 370 -19.52 -0.84 -4.25
CA TYR A 370 -18.84 -1.72 -5.18
C TYR A 370 -19.76 -2.83 -5.70
N GLY A 371 -21.04 -2.55 -5.84
CA GLY A 371 -22.00 -3.52 -6.28
C GLY A 371 -22.80 -4.09 -5.12
N PRO A 372 -23.76 -4.97 -5.44
CA PRO A 372 -24.63 -5.50 -4.39
C PRO A 372 -23.84 -6.27 -3.33
N GLY A 373 -24.32 -6.18 -2.10
CA GLY A 373 -23.69 -6.85 -0.99
C GLY A 373 -22.45 -6.18 -0.44
N THR A 374 -22.04 -5.03 -0.97
CA THR A 374 -20.77 -4.41 -0.61
C THR A 374 -20.93 -3.19 0.31
N THR A 375 -22.10 -3.00 0.92
CA THR A 375 -22.22 -1.93 1.90
C THR A 375 -21.31 -2.19 3.10
N TRP A 376 -21.16 -3.45 3.49
CA TRP A 376 -20.37 -3.84 4.65
C TRP A 376 -19.47 -5.00 4.28
N PHE A 377 -18.27 -5.02 4.87
CA PHE A 377 -17.29 -6.06 4.65
C PHE A 377 -16.78 -6.56 6.00
N ILE A 378 -16.48 -7.84 6.07
CA ILE A 378 -15.85 -8.42 7.25
C ILE A 378 -14.82 -9.45 6.80
N ARG A 379 -13.72 -9.53 7.54
CA ARG A 379 -12.71 -10.56 7.32
C ARG A 379 -12.14 -10.96 8.66
N LYS A 380 -12.05 -12.26 8.91
CA LYS A 380 -11.67 -12.78 10.22
C LYS A 380 -10.31 -13.46 10.15
N THR A 381 -9.53 -13.33 11.23
CA THR A 381 -8.24 -13.97 11.42
C THR A 381 -7.25 -13.55 10.32
N LEU A 382 -6.80 -12.29 10.44
CA LEU A 382 -6.09 -11.64 9.34
C LEU A 382 -4.70 -12.24 9.09
N ALA A 383 -3.90 -12.40 10.15
CA ALA A 383 -2.47 -12.66 10.00
C ALA A 383 -2.18 -14.15 9.77
N TYR A 384 -1.24 -14.42 8.87
CA TYR A 384 -0.85 -15.77 8.49
C TYR A 384 0.50 -15.71 7.76
N GLN A 385 1.12 -16.88 7.59
CA GLN A 385 2.32 -17.00 6.77
C GLN A 385 2.35 -18.31 5.98
N SER A 386 2.86 -18.24 4.75
CA SER A 386 3.13 -19.43 3.95
C SER A 386 4.51 -19.99 4.30
N PRO A 387 4.59 -21.21 4.83
CA PRO A 387 5.91 -21.77 5.15
C PRO A 387 6.80 -22.00 3.94
N VAL A 388 6.25 -22.27 2.76
CA VAL A 388 7.04 -22.53 1.55
C VAL A 388 6.62 -21.53 0.48
N VAL A 389 7.59 -20.75 -0.02
CA VAL A 389 7.33 -19.68 -0.96
C VAL A 389 8.03 -19.86 -2.30
N SER A 390 8.78 -20.95 -2.47
CA SER A 390 9.39 -21.23 -3.77
C SER A 390 9.70 -22.72 -3.86
N GLY A 391 9.93 -23.15 -5.10
CA GLY A 391 10.28 -24.53 -5.38
C GLY A 391 10.50 -24.67 -6.88
N PRO A 392 10.90 -25.87 -7.32
CA PRO A 392 11.18 -26.06 -8.75
C PRO A 392 10.02 -25.63 -9.63
N GLY A 393 10.24 -24.57 -10.40
CA GLY A 393 9.26 -24.08 -11.34
C GLY A 393 8.40 -22.93 -10.84
N TRP A 394 8.58 -22.47 -9.60
CA TRP A 394 7.62 -21.51 -9.07
C TRP A 394 8.20 -20.71 -7.92
N LEU A 395 7.59 -19.56 -7.69
CA LEU A 395 7.76 -18.79 -6.47
C LEU A 395 6.47 -18.04 -6.18
N ALA A 396 6.37 -17.50 -4.97
CA ALA A 396 5.20 -16.78 -4.49
C ALA A 396 5.59 -15.37 -4.07
N ILE A 397 4.67 -14.42 -4.24
CA ILE A 397 4.89 -13.03 -3.92
C ILE A 397 3.67 -12.47 -3.20
N GLY A 398 3.82 -11.27 -2.63
CA GLY A 398 2.71 -10.52 -2.07
C GLY A 398 2.01 -11.28 -0.96
N ASP A 399 0.68 -11.17 -0.93
CA ASP A 399 -0.08 -11.81 0.15
C ASP A 399 0.08 -13.32 0.14
N ALA A 400 0.40 -13.90 -1.02
CA ALA A 400 0.58 -15.34 -1.09
C ALA A 400 1.73 -15.81 -0.20
N CYS A 401 2.63 -14.90 0.20
CA CYS A 401 3.71 -15.21 1.13
C CYS A 401 3.30 -15.10 2.59
N GLY A 402 2.32 -14.26 2.88
CA GLY A 402 1.94 -13.95 4.25
C GLY A 402 1.43 -12.54 4.35
N PHE A 403 0.74 -12.26 5.45
CA PHE A 403 0.14 -10.96 5.72
C PHE A 403 0.01 -10.79 7.22
N THR A 404 -0.03 -9.54 7.67
CA THR A 404 -0.26 -9.26 9.10
C THR A 404 -1.51 -8.41 9.30
N ASN A 405 -1.48 -7.13 8.96
CA ASN A 405 -2.49 -6.19 9.42
C ASN A 405 -2.48 -4.98 8.49
N PRO A 406 -3.60 -4.25 8.41
CA PRO A 406 -3.58 -2.97 7.69
C PRO A 406 -2.64 -1.92 8.28
N LEU A 407 -2.32 -1.99 9.57
CA LEU A 407 -1.65 -0.89 10.26
C LEU A 407 -0.24 -0.64 9.72
N TYR A 408 0.01 0.61 9.33
CA TYR A 408 1.22 1.10 8.65
C TYR A 408 1.33 0.58 7.23
N SER A 409 0.28 -0.06 6.71
CA SER A 409 0.21 -0.47 5.31
C SER A 409 1.40 -1.31 4.83
N PRO A 410 1.80 -2.35 5.57
CA PRO A 410 2.85 -3.23 5.05
C PRO A 410 2.41 -4.08 3.88
N GLY A 411 1.10 -4.30 3.70
CA GLY A 411 0.63 -5.20 2.67
C GLY A 411 1.13 -4.84 1.28
N ILE A 412 0.91 -3.60 0.85
CA ILE A 412 1.42 -3.16 -0.44
C ILE A 412 2.88 -2.73 -0.34
N ASN A 413 3.19 -1.89 0.64
CA ASN A 413 4.45 -1.12 0.60
C ASN A 413 5.65 -1.95 1.06
N VAL A 414 5.47 -2.85 2.01
CA VAL A 414 6.51 -3.81 2.36
C VAL A 414 6.43 -5.04 1.45
N GLY A 415 5.21 -5.48 1.16
CA GLY A 415 5.02 -6.64 0.32
C GLY A 415 5.66 -6.51 -1.05
N MET A 416 5.78 -5.28 -1.56
CA MET A 416 6.39 -5.10 -2.87
C MET A 416 7.87 -5.41 -2.87
N SER A 417 8.50 -5.52 -1.70
CA SER A 417 9.88 -6.01 -1.65
C SER A 417 9.98 -7.43 -2.18
N THR A 418 8.99 -8.27 -1.89
CA THR A 418 9.00 -9.62 -2.45
C THR A 418 8.71 -9.58 -3.94
N SER A 419 7.66 -8.84 -4.34
CA SER A 419 7.30 -8.74 -5.76
C SER A 419 8.48 -8.26 -6.60
N THR A 420 9.18 -7.21 -6.16
CA THR A 420 10.24 -6.66 -6.99
C THR A 420 11.52 -7.50 -6.94
N TRP A 421 11.87 -8.07 -5.78
CA TRP A 421 13.00 -8.98 -5.74
C TRP A 421 12.75 -10.20 -6.62
N ALA A 422 11.58 -10.82 -6.48
CA ALA A 422 11.24 -11.95 -7.33
C ALA A 422 11.34 -11.57 -8.81
N ALA A 423 10.93 -10.35 -9.15
CA ALA A 423 10.99 -9.89 -10.53
C ALA A 423 12.43 -9.86 -11.03
N GLN A 424 13.33 -9.26 -10.24
CA GLN A 424 14.73 -9.19 -10.63
C GLN A 424 15.31 -10.60 -10.78
N LEU A 425 14.95 -11.50 -9.86
CA LEU A 425 15.50 -12.84 -9.85
C LEU A 425 14.98 -13.70 -10.99
N SER A 426 13.85 -13.32 -11.59
CA SER A 426 13.25 -14.15 -12.62
C SER A 426 14.11 -14.24 -13.87
N HIS A 427 14.90 -13.20 -14.16
CA HIS A 427 15.75 -13.23 -15.35
C HIS A 427 16.79 -14.34 -15.25
N PRO A 428 17.68 -14.37 -14.24
CA PRO A 428 18.60 -15.50 -14.15
C PRO A 428 17.91 -16.83 -13.98
N ILE A 429 16.76 -16.89 -13.30
CA ILE A 429 16.07 -18.17 -13.11
C ILE A 429 15.70 -18.76 -14.46
N VAL A 430 15.12 -17.94 -15.34
CA VAL A 430 14.71 -18.42 -16.66
C VAL A 430 15.94 -18.73 -17.52
N GLU A 431 16.98 -17.90 -17.44
CA GLU A 431 18.17 -18.13 -18.28
C GLU A 431 18.92 -19.39 -17.85
N ILE A 432 19.06 -19.62 -16.55
CA ILE A 432 19.64 -20.87 -16.07
C ILE A 432 18.97 -22.06 -16.75
N GLY A 433 17.63 -22.08 -16.74
CA GLY A 433 16.88 -23.20 -17.30
C GLY A 433 17.06 -23.37 -18.80
N LYS A 434 17.43 -22.29 -19.49
CA LYS A 434 17.71 -22.37 -20.91
C LYS A 434 19.17 -22.70 -21.23
N SER A 435 20.02 -22.87 -20.22
CA SER A 435 21.45 -22.84 -20.48
C SER A 435 22.25 -23.94 -19.77
N ALA A 436 21.59 -24.90 -19.14
CA ALA A 436 22.27 -25.93 -18.36
C ALA A 436 21.39 -27.17 -18.33
N PRO A 437 21.97 -28.35 -18.12
CA PRO A 437 21.13 -29.55 -17.98
C PRO A 437 20.23 -29.46 -16.76
N ALA A 438 19.22 -30.33 -16.73
CA ALA A 438 18.07 -30.14 -15.85
C ALA A 438 18.46 -30.19 -14.37
N ASP A 439 19.31 -31.15 -13.98
CA ASP A 439 19.65 -31.30 -12.57
C ASP A 439 20.42 -30.11 -12.04
N ALA A 440 21.45 -29.67 -12.79
CA ALA A 440 22.24 -28.55 -12.32
C ALA A 440 21.46 -27.25 -12.36
N ALA A 441 20.57 -27.09 -13.33
CA ALA A 441 19.69 -25.91 -13.36
C ALA A 441 18.83 -25.86 -12.10
N GLU A 442 18.23 -26.99 -11.73
CA GLU A 442 17.39 -27.02 -10.54
C GLU A 442 18.18 -26.68 -9.28
N SER A 443 19.40 -27.25 -9.15
CA SER A 443 20.21 -26.98 -7.97
C SER A 443 20.65 -25.52 -7.92
N SER A 444 21.04 -24.97 -9.08
CA SER A 444 21.50 -23.59 -9.09
C SER A 444 20.37 -22.63 -8.78
N ILE A 445 19.19 -22.89 -9.33
CA ILE A 445 18.02 -22.05 -9.04
C ILE A 445 17.66 -22.14 -7.57
N ARG A 446 17.67 -23.35 -7.01
CA ARG A 446 17.36 -23.51 -5.59
C ARG A 446 18.31 -22.70 -4.74
N LYS A 447 19.61 -22.81 -5.00
CA LYS A 447 20.58 -22.07 -4.19
C LYS A 447 20.40 -20.56 -4.34
N LEU A 448 20.07 -20.10 -5.55
CA LEU A 448 19.84 -18.68 -5.79
C LEU A 448 18.66 -18.15 -4.97
N LEU A 449 17.67 -18.99 -4.70
CA LEU A 449 16.45 -18.58 -4.00
C LEU A 449 16.51 -18.80 -2.50
N VAL A 450 17.58 -19.41 -1.98
CA VAL A 450 17.73 -19.51 -0.52
C VAL A 450 17.58 -18.15 0.16
N PRO A 451 18.22 -17.07 -0.29
CA PRO A 451 18.00 -15.77 0.38
C PRO A 451 16.57 -15.27 0.27
N TYR A 452 15.92 -15.52 -0.87
CA TYR A 452 14.52 -15.12 -1.01
C TYR A 452 13.65 -15.86 0.01
N ASP A 453 13.85 -17.18 0.13
CA ASP A 453 13.08 -17.96 1.09
C ASP A 453 13.35 -17.50 2.52
N ASP A 454 14.63 -17.26 2.84
CA ASP A 454 15.01 -16.86 4.19
C ASP A 454 14.46 -15.48 4.53
N TYR A 455 14.45 -14.57 3.57
CA TYR A 455 13.89 -13.24 3.81
C TYR A 455 12.39 -13.33 4.10
N CYS A 456 11.64 -14.08 3.25
CA CYS A 456 10.22 -14.23 3.49
C CYS A 456 9.95 -14.86 4.86
N LYS A 457 10.69 -15.92 5.17
CA LYS A 457 10.51 -16.63 6.43
C LYS A 457 10.60 -15.70 7.64
N SER A 458 11.59 -14.80 7.65
CA SER A 458 11.74 -13.90 8.79
C SER A 458 10.95 -12.61 8.64
N LEU A 459 10.44 -12.31 7.44
CA LEU A 459 9.76 -11.04 7.20
C LEU A 459 8.45 -10.97 7.98
N VAL A 460 7.58 -11.96 7.81
CA VAL A 460 6.24 -11.88 8.38
C VAL A 460 6.30 -11.93 9.91
N PRO A 461 7.15 -12.77 10.54
CA PRO A 461 7.28 -12.68 12.00
C PRO A 461 7.70 -11.31 12.48
N ALA A 462 8.64 -10.66 11.77
CA ALA A 462 9.04 -9.31 12.18
C ALA A 462 7.87 -8.34 12.08
N LEU A 463 7.10 -8.41 10.99
CA LEU A 463 5.91 -7.58 10.84
C LEU A 463 4.87 -7.90 11.91
N GLU A 464 4.72 -9.18 12.27
CA GLU A 464 3.75 -9.53 13.31
C GLU A 464 4.15 -8.96 14.66
N GLN A 465 5.45 -8.99 14.99
CA GLN A 465 5.92 -8.37 16.23
C GLN A 465 5.71 -6.86 16.18
N MET A 466 5.96 -6.24 15.03
CA MET A 466 5.68 -4.81 14.87
C MET A 466 4.20 -4.51 15.11
N ASN A 467 3.32 -5.38 14.62
CA ASN A 467 1.89 -5.13 14.77
C ASN A 467 1.48 -5.23 16.24
N ARG A 468 1.97 -6.25 16.95
CA ARG A 468 1.60 -6.42 18.35
C ARG A 468 2.15 -5.28 19.20
N PHE A 469 3.39 -4.87 18.93
CA PHE A 469 3.99 -3.70 19.57
C PHE A 469 3.05 -2.50 19.55
N ASN A 470 2.58 -2.14 18.36
CA ASN A 470 1.68 -0.99 18.26
C ASN A 470 0.37 -1.26 18.98
N TYR A 471 -0.22 -2.44 18.76
CA TYR A 471 -1.52 -2.76 19.37
C TYR A 471 -1.46 -2.62 20.89
N VAL A 472 -0.45 -3.20 21.54
CA VAL A 472 -0.42 -3.15 23.00
C VAL A 472 -0.20 -1.72 23.48
N CYS A 473 0.60 -0.93 22.76
CA CYS A 473 0.83 0.45 23.16
C CYS A 473 -0.40 1.32 22.95
N TYR A 474 -1.28 0.94 22.01
CA TYR A 474 -2.53 1.63 21.82
C TYR A 474 -3.47 1.48 23.00
N ARG A 475 -3.14 0.62 23.97
CA ARG A 475 -3.92 0.53 25.19
C ARG A 475 -3.72 1.72 26.12
N ASP A 476 -2.82 2.65 25.80
CA ASP A 476 -2.60 3.80 26.68
C ASP A 476 -2.27 5.02 25.86
N THR A 477 -2.79 6.17 26.27
CA THR A 477 -2.68 7.38 25.48
C THR A 477 -1.30 8.04 25.57
N ARG A 478 -0.37 7.50 26.35
CA ARG A 478 1.03 7.94 26.32
C ARG A 478 1.92 6.97 25.56
N LEU A 479 1.73 5.66 25.74
CA LEU A 479 2.58 4.69 25.05
C LEU A 479 2.37 4.71 23.55
N GLY A 480 1.12 4.87 23.11
CA GLY A 480 0.80 4.90 21.70
C GLY A 480 1.64 5.91 20.91
N PRO A 481 1.54 7.19 21.29
CA PRO A 481 2.30 8.21 20.55
C PRO A 481 3.76 8.30 20.93
N GLN A 482 4.11 8.17 22.21
CA GLN A 482 5.46 8.45 22.66
C GLN A 482 6.40 7.25 22.57
N VAL A 483 5.89 6.04 22.40
CA VAL A 483 6.73 4.87 22.28
C VAL A 483 6.53 4.23 20.91
N ALA A 484 5.34 3.69 20.66
CA ALA A 484 5.13 2.87 19.46
C ALA A 484 5.25 3.70 18.18
N CYS A 485 4.53 4.82 18.11
CA CYS A 485 4.60 5.62 16.89
C CYS A 485 5.98 6.23 16.71
N LEU A 486 6.55 6.77 17.79
CA LEU A 486 7.89 7.36 17.70
C LEU A 486 8.89 6.33 17.18
N TRP A 487 8.86 5.12 17.72
CA TRP A 487 9.83 4.12 17.31
C TRP A 487 9.59 3.61 15.89
N GLN A 488 8.33 3.58 15.45
CA GLN A 488 8.05 3.13 14.09
C GLN A 488 8.59 4.11 13.08
N PHE A 489 8.43 5.40 13.36
CA PHE A 489 8.91 6.41 12.42
C PHE A 489 10.41 6.63 12.53
N PHE A 490 10.99 6.52 13.73
CA PHE A 490 12.45 6.63 13.80
C PHE A 490 13.13 5.46 13.09
N ALA A 491 12.71 4.23 13.41
CA ALA A 491 13.32 3.07 12.78
C ALA A 491 12.95 2.97 11.30
N GLY A 492 11.76 3.42 10.92
CA GLY A 492 11.24 3.06 9.62
C GLY A 492 11.20 4.15 8.56
N ILE A 493 11.62 5.36 8.88
CA ILE A 493 11.67 6.40 7.86
C ILE A 493 12.68 6.00 6.79
N GLU A 494 12.39 6.35 5.53
CA GLU A 494 13.08 5.79 4.38
C GLU A 494 14.31 6.62 4.04
N ARG A 495 15.37 6.43 4.83
CA ARG A 495 16.60 7.18 4.59
C ARG A 495 17.19 6.84 3.23
N TYR A 496 17.64 7.88 2.52
CA TYR A 496 18.31 7.76 1.22
C TYR A 496 17.39 7.22 0.13
N LEU A 497 16.08 7.40 0.29
CA LEU A 497 15.13 7.00 -0.75
C LEU A 497 15.42 7.71 -2.06
N SER A 498 15.90 8.96 -2.00
CA SER A 498 16.20 9.73 -3.20
C SER A 498 17.34 9.15 -4.04
N ASP A 499 18.09 8.17 -3.51
CA ASP A 499 19.17 7.54 -4.26
C ASP A 499 18.73 6.29 -5.01
N VAL A 500 17.55 5.76 -4.70
CA VAL A 500 17.11 4.48 -5.27
C VAL A 500 16.78 4.65 -6.74
N ASN A 501 17.03 3.59 -7.52
CA ASN A 501 16.63 3.56 -8.92
C ASN A 501 16.09 2.17 -9.23
N ILE A 502 15.69 1.95 -10.49
CA ILE A 502 15.14 0.66 -10.89
C ILE A 502 16.11 -0.46 -10.54
N GLU A 503 17.40 -0.22 -10.74
CA GLU A 503 18.39 -1.27 -10.54
C GLU A 503 18.51 -1.65 -9.07
N THR A 504 18.53 -0.66 -8.17
CA THR A 504 18.71 -0.92 -6.75
C THR A 504 17.40 -1.07 -5.98
N PHE A 505 16.24 -0.97 -6.63
CA PHE A 505 14.99 -0.87 -5.88
C PHE A 505 14.76 -2.09 -4.98
N ALA A 506 14.84 -3.29 -5.54
CA ALA A 506 14.57 -4.49 -4.75
C ALA A 506 15.55 -4.62 -3.58
N HIS A 507 16.83 -4.33 -3.82
CA HIS A 507 17.82 -4.44 -2.76
C HIS A 507 17.53 -3.46 -1.62
N TYR A 508 17.21 -2.21 -1.98
CA TYR A 508 16.75 -1.24 -0.98
C TYR A 508 15.49 -1.74 -0.27
N ALA A 509 14.50 -2.21 -1.03
CA ALA A 509 13.20 -2.53 -0.43
C ALA A 509 13.33 -3.63 0.61
N ILE A 510 14.14 -4.65 0.34
CA ILE A 510 14.25 -5.77 1.28
C ILE A 510 15.03 -5.39 2.53
N LYS A 511 15.68 -4.22 2.55
CA LYS A 511 16.40 -3.76 3.73
C LYS A 511 15.56 -2.85 4.61
N TRP A 512 14.35 -2.51 4.18
CA TRP A 512 13.50 -1.54 4.88
C TRP A 512 12.66 -2.22 5.97
N VAL A 513 11.62 -2.97 5.57
CA VAL A 513 10.77 -3.71 6.50
C VAL A 513 10.14 -2.76 7.52
N TRP A 514 9.84 -1.53 7.12
CA TRP A 514 9.29 -0.51 8.04
C TRP A 514 10.16 -0.35 9.29
N GLY A 515 11.44 -0.69 9.21
CA GLY A 515 12.29 -0.63 10.38
C GLY A 515 12.07 -1.71 11.40
N ALA A 516 11.25 -2.72 11.09
CA ALA A 516 10.88 -3.76 12.05
C ALA A 516 12.05 -4.67 12.40
N MET A 517 13.15 -4.63 11.65
CA MET A 517 14.34 -5.41 11.95
C MET A 517 15.36 -4.66 12.79
N VAL A 518 15.16 -3.36 13.01
CA VAL A 518 16.15 -2.56 13.73
C VAL A 518 16.30 -3.09 15.14
N PRO A 519 17.51 -3.44 15.60
CA PRO A 519 17.63 -4.06 16.93
C PRO A 519 16.99 -3.28 18.07
N GLU A 520 17.23 -1.96 18.15
CA GLU A 520 16.68 -1.19 19.26
C GLU A 520 15.16 -1.15 19.20
N TYR A 521 14.58 -1.15 17.99
CA TYR A 521 13.14 -1.24 17.84
C TYR A 521 12.62 -2.55 18.43
N GLN A 522 13.25 -3.67 18.07
CA GLN A 522 12.80 -4.96 18.59
C GLN A 522 12.96 -5.04 20.10
N GLN A 523 14.00 -4.38 20.63
CA GLN A 523 14.25 -4.43 22.07
C GLN A 523 13.14 -3.73 22.85
N VAL A 524 12.73 -2.55 22.40
CA VAL A 524 11.63 -1.85 23.04
C VAL A 524 10.33 -2.61 22.83
N ALA A 525 10.11 -3.11 21.60
CA ALA A 525 8.90 -3.85 21.29
C ALA A 525 8.73 -5.06 22.20
N GLN A 526 9.83 -5.79 22.44
CA GLN A 526 9.72 -6.98 23.27
C GLN A 526 9.42 -6.61 24.72
N LYS A 527 10.01 -5.53 25.22
CA LYS A 527 9.74 -5.12 26.60
C LYS A 527 8.27 -4.77 26.79
N CYS A 528 7.69 -4.02 25.85
CA CYS A 528 6.29 -3.60 25.99
C CYS A 528 5.34 -4.78 25.86
N ILE A 529 5.56 -5.63 24.85
CA ILE A 529 4.71 -6.80 24.63
C ILE A 529 4.72 -7.70 25.86
N GLU A 530 5.93 -7.99 26.36
CA GLU A 530 6.07 -8.85 27.53
C GLU A 530 5.28 -8.32 28.73
N HIS A 531 5.28 -7.00 28.92
CA HIS A 531 4.59 -6.44 30.07
C HIS A 531 3.09 -6.38 29.83
N ILE A 532 2.68 -5.81 28.70
CA ILE A 532 1.28 -5.45 28.51
C ILE A 532 0.42 -6.68 28.27
N GLU A 533 0.96 -7.70 27.62
CA GLU A 533 0.18 -8.91 27.35
C GLU A 533 -0.24 -9.65 28.62
N THR A 534 0.36 -9.32 29.77
CA THR A 534 -0.05 -9.91 31.03
C THR A 534 -1.21 -9.18 31.68
N VAL A 535 -1.65 -8.06 31.12
CA VAL A 535 -2.81 -7.32 31.63
C VAL A 535 -4.02 -7.72 30.78
N PRO A 536 -5.04 -8.34 31.35
CA PRO A 536 -6.23 -8.70 30.57
C PRO A 536 -6.79 -7.48 29.83
N LEU A 537 -7.30 -7.74 28.62
CA LEU A 537 -7.71 -6.65 27.75
C LEU A 537 -8.76 -5.75 28.40
N ASP A 538 -9.66 -6.33 29.20
CA ASP A 538 -10.74 -5.53 29.78
C ASP A 538 -10.28 -4.64 30.94
N GLU A 539 -8.98 -4.62 31.25
CA GLU A 539 -8.46 -3.78 32.31
C GLU A 539 -7.62 -2.63 31.73
N ARG A 540 -7.51 -1.57 32.52
CA ARG A 540 -6.61 -0.47 32.22
C ARG A 540 -5.18 -0.84 32.61
N LEU A 541 -4.20 -0.38 31.83
CA LEU A 541 -2.81 -0.60 32.21
C LEU A 541 -2.50 0.15 33.50
N PRO A 542 -1.79 -0.49 34.45
CA PRO A 542 -1.37 0.26 35.64
C PRO A 542 -0.47 1.42 35.24
N ASP A 543 -0.67 2.56 35.92
CA ASP A 543 0.11 3.76 35.58
C ASP A 543 1.60 3.53 35.80
N ALA A 544 1.96 2.68 36.76
CA ALA A 544 3.37 2.38 36.98
C ALA A 544 3.97 1.61 35.81
N MET A 545 3.18 0.71 35.21
CA MET A 545 3.67 0.00 34.03
C MET A 545 3.93 0.96 32.87
N VAL A 546 3.03 1.93 32.66
CA VAL A 546 3.23 2.92 31.61
C VAL A 546 4.50 3.73 31.89
N ASP A 547 4.66 4.19 33.14
CA ASP A 547 5.86 4.94 33.52
C ASP A 547 7.12 4.17 33.19
N GLU A 548 7.14 2.90 33.59
CA GLU A 548 8.35 2.09 33.41
C GLU A 548 8.65 1.87 31.94
N LEU A 549 7.63 1.57 31.14
CA LEU A 549 7.86 1.32 29.72
C LEU A 549 8.30 2.59 29.01
N LEU A 550 7.69 3.72 29.36
CA LEU A 550 8.08 5.00 28.79
C LEU A 550 9.52 5.35 29.13
N ALA A 551 9.93 5.14 30.39
CA ALA A 551 11.31 5.41 30.79
C ALA A 551 12.28 4.47 30.08
N PHE A 552 11.94 3.19 29.98
CA PHE A 552 12.77 2.26 29.24
C PHE A 552 12.90 2.68 27.78
N SER A 553 11.78 2.98 27.14
CA SER A 553 11.79 3.37 25.73
C SER A 553 12.65 4.61 25.51
N ASN A 554 12.58 5.58 26.42
CA ASN A 554 13.32 6.83 26.23
C ASN A 554 14.81 6.65 26.45
N ARG A 555 15.22 5.77 27.36
CA ARG A 555 16.64 5.51 27.56
C ARG A 555 17.25 4.85 26.32
N ILE A 556 16.56 3.84 25.77
CA ILE A 556 17.04 3.21 24.54
C ILE A 556 17.03 4.21 23.38
N LYS A 557 16.06 5.13 23.37
CA LYS A 557 15.90 6.04 22.24
C LYS A 557 17.07 7.01 22.13
N SER A 558 17.44 7.65 23.25
CA SER A 558 18.42 8.73 23.19
C SER A 558 19.72 8.27 22.53
N ALA A 559 20.17 7.06 22.84
CA ALA A 559 21.43 6.56 22.29
C ALA A 559 21.29 6.18 20.83
N ALA A 560 20.19 5.50 20.47
CA ALA A 560 19.96 5.13 19.08
C ALA A 560 19.83 6.36 18.18
N VAL A 561 19.21 7.42 18.71
CA VAL A 561 19.06 8.65 17.94
C VAL A 561 20.41 9.34 17.77
N ALA A 562 21.19 9.44 18.86
CA ALA A 562 22.52 10.01 18.78
C ALA A 562 23.37 9.29 17.74
N ALA A 563 23.23 7.96 17.64
CA ALA A 563 24.04 7.19 16.72
C ALA A 563 23.63 7.35 15.25
N ASP A 564 22.43 7.87 14.98
CA ASP A 564 22.02 8.05 13.60
C ASP A 564 22.77 9.22 12.96
N ASP A 565 23.37 8.98 11.80
CA ASP A 565 24.10 10.01 11.07
C ASP A 565 23.28 10.65 9.96
N PHE A 566 22.00 10.29 9.82
CA PHE A 566 21.14 10.87 8.81
C PHE A 566 20.56 12.18 9.31
N SER A 567 20.76 13.26 8.54
CA SER A 567 20.28 14.57 8.94
C SER A 567 18.83 14.74 8.53
N LEU A 568 17.98 15.12 9.49
CA LEU A 568 16.55 15.21 9.24
C LEU A 568 15.95 16.22 10.20
N ARG A 569 15.09 17.13 9.69
CA ARG A 569 14.40 18.11 10.52
C ARG A 569 13.23 17.43 11.22
N TRP A 570 13.58 16.62 12.23
CA TRP A 570 12.57 15.83 12.93
C TRP A 570 11.48 16.71 13.52
N ASP A 571 11.85 17.85 14.10
CA ASP A 571 10.87 18.75 14.70
C ASP A 571 9.91 19.33 13.68
N ALA A 572 10.29 19.36 12.40
CA ALA A 572 9.37 19.82 11.35
C ALA A 572 8.45 18.72 10.85
N ILE A 573 8.81 17.46 11.05
CA ILE A 573 8.05 16.33 10.52
C ILE A 573 7.12 15.74 11.58
N LEU A 574 7.58 15.63 12.82
CA LEU A 574 6.78 15.12 13.92
C LEU A 574 6.30 16.31 14.75
N ARG A 575 4.99 16.55 14.74
CA ARG A 575 4.47 17.76 15.38
C ARG A 575 4.80 17.81 16.87
N SER A 576 4.85 16.66 17.54
CA SER A 576 4.95 16.63 18.99
C SER A 576 6.38 16.47 19.51
N PHE A 577 7.39 16.51 18.64
CA PHE A 577 8.76 16.17 19.03
C PHE A 577 9.75 17.23 18.54
N ASP A 578 10.84 17.39 19.29
CA ASP A 578 11.92 18.28 18.90
C ASP A 578 12.87 17.55 17.93
N ARG A 579 13.98 18.23 17.57
CA ARG A 579 14.86 17.68 16.55
C ARG A 579 15.57 16.42 17.02
N SER A 580 15.76 16.24 18.33
CA SER A 580 16.36 15.04 18.87
C SER A 580 15.32 14.00 19.30
N LEU A 581 14.09 14.11 18.79
CA LEU A 581 13.00 13.16 19.04
C LEU A 581 12.59 13.10 20.51
N ASN A 582 12.82 14.17 21.26
CA ASN A 582 12.24 14.30 22.59
C ASN A 582 10.79 14.78 22.49
N PHE A 583 9.91 14.19 23.29
CA PHE A 583 8.52 14.61 23.33
C PHE A 583 8.40 15.99 23.95
N VAL A 584 7.68 16.88 23.28
CA VAL A 584 7.42 18.23 23.77
C VAL A 584 5.93 18.41 23.98
N GLU A 585 5.54 18.74 25.21
CA GLU A 585 4.13 18.66 25.62
C GLU A 585 3.25 19.64 24.84
N GLY A 586 3.71 20.88 24.69
CA GLY A 586 2.91 21.91 24.07
C GLY A 586 3.11 22.14 22.58
N LYS A 587 3.98 21.37 21.93
CA LYS A 587 4.46 21.73 20.60
C LYS A 587 3.40 21.45 19.55
N THR A 588 3.16 22.46 18.70
CA THR A 588 2.27 22.33 17.55
C THR A 588 2.95 22.66 16.22
N SER A 589 4.20 23.12 16.24
CA SER A 589 4.81 23.61 15.02
C SER A 589 5.20 22.45 14.11
N ARG A 590 4.89 22.61 12.82
CA ARG A 590 5.15 21.60 11.81
C ARG A 590 5.25 22.28 10.46
N ASP A 591 5.88 21.60 9.51
CA ASP A 591 5.82 22.02 8.12
C ASP A 591 4.39 21.90 7.61
N ILE A 592 4.06 22.71 6.61
CA ILE A 592 2.74 22.68 5.98
C ILE A 592 2.95 22.48 4.50
N TYR A 593 2.53 21.32 3.98
CA TYR A 593 2.76 20.96 2.58
C TYR A 593 1.48 20.90 1.75
N THR A 594 0.31 21.05 2.37
CA THR A 594 -0.96 20.82 1.67
C THR A 594 -1.97 21.90 2.02
N ARG A 595 -3.03 21.96 1.21
CA ARG A 595 -4.20 22.80 1.45
C ARG A 595 -5.41 22.11 0.88
N GLN A 596 -6.59 22.50 1.37
CA GLN A 596 -7.84 21.95 0.87
C GLN A 596 -8.43 22.89 -0.17
N CYS A 597 -8.84 22.35 -1.30
CA CYS A 597 -9.53 23.15 -2.30
C CYS A 597 -10.85 23.65 -1.72
N SER A 598 -11.06 24.97 -1.78
CA SER A 598 -12.29 25.55 -1.25
C SER A 598 -13.50 25.19 -2.10
N GLY A 599 -13.29 24.87 -3.38
CA GLY A 599 -14.39 24.55 -4.27
C GLY A 599 -14.93 23.14 -4.11
N CYS A 600 -14.04 22.14 -4.14
CA CYS A 600 -14.46 20.75 -4.14
C CYS A 600 -14.06 19.98 -2.89
N GLY A 601 -13.18 20.52 -2.05
CA GLY A 601 -12.72 19.83 -0.87
C GLY A 601 -11.51 18.94 -1.05
N ALA A 602 -11.00 18.78 -2.26
CA ALA A 602 -9.86 17.88 -2.47
C ALA A 602 -8.60 18.47 -1.88
N TRP A 603 -7.79 17.61 -1.28
CA TRP A 603 -6.51 18.05 -0.73
C TRP A 603 -5.45 18.12 -1.83
N LEU A 604 -4.63 19.17 -1.77
CA LEU A 604 -3.70 19.53 -2.82
C LEU A 604 -2.30 19.72 -2.25
N GLN A 605 -1.28 19.50 -3.08
CA GLN A 605 0.09 19.78 -2.68
C GLN A 605 0.46 21.22 -3.05
N LEU A 606 1.17 21.89 -2.13
CA LEU A 606 1.62 23.26 -2.38
C LEU A 606 2.91 23.23 -3.18
N ARG A 607 2.88 23.81 -4.37
CA ARG A 607 4.08 24.06 -5.16
C ARG A 607 3.74 25.14 -6.17
N PRO A 608 4.69 26.01 -6.51
CA PRO A 608 4.33 27.21 -7.28
C PRO A 608 3.84 26.93 -8.69
N ASP A 609 4.18 25.78 -9.28
CA ASP A 609 3.76 25.51 -10.65
C ASP A 609 2.42 24.80 -10.73
N TRP A 610 1.78 24.48 -9.61
CA TRP A 610 0.42 23.93 -9.57
C TRP A 610 -0.50 24.98 -8.98
N LYS A 611 -1.03 25.85 -9.84
CA LYS A 611 -1.96 26.88 -9.39
C LYS A 611 -3.41 26.39 -9.35
N LYS A 612 -3.76 25.39 -10.15
CA LYS A 612 -5.14 24.90 -10.22
C LYS A 612 -5.28 23.63 -9.41
N CYS A 613 -6.45 23.49 -8.76
CA CYS A 613 -6.82 22.22 -8.14
C CYS A 613 -6.74 21.11 -9.17
N HIS A 614 -6.04 20.02 -8.82
CA HIS A 614 -5.88 18.92 -9.76
C HIS A 614 -7.13 18.07 -9.89
N SER A 615 -8.08 18.22 -8.98
CA SER A 615 -9.28 17.40 -8.95
C SER A 615 -10.46 18.06 -9.66
N CYS A 616 -10.71 19.34 -9.39
CA CYS A 616 -11.85 20.03 -9.99
C CYS A 616 -11.46 21.14 -10.95
N GLY A 617 -10.18 21.55 -10.96
CA GLY A 617 -9.70 22.56 -11.88
C GLY A 617 -9.81 23.99 -11.42
N LEU A 618 -10.43 24.23 -10.26
CA LEU A 618 -10.58 25.60 -9.78
C LEU A 618 -9.21 26.23 -9.53
N LEU A 619 -8.99 27.38 -10.16
CA LEU A 619 -7.73 28.09 -9.99
C LEU A 619 -7.53 28.47 -8.53
N GLY A 620 -6.28 28.39 -8.06
CA GLY A 620 -5.95 28.61 -6.67
C GLY A 620 -6.58 29.84 -6.06
N THR A 621 -7.15 29.67 -4.87
CA THR A 621 -7.86 30.72 -4.13
C THR A 621 -7.08 32.03 -4.15
N GLU A 622 -5.76 31.93 -4.12
CA GLU A 622 -4.85 33.04 -4.29
C GLU A 622 -3.59 32.44 -4.89
N PRO A 623 -3.04 33.04 -5.95
CA PRO A 623 -1.95 32.38 -6.68
C PRO A 623 -0.61 32.42 -5.98
N GLN A 624 -0.58 32.33 -4.64
CA GLN A 624 0.69 32.47 -3.94
C GLN A 624 0.80 31.69 -2.64
N THR A 625 -0.05 30.69 -2.39
CA THR A 625 0.14 29.88 -1.19
C THR A 625 1.33 28.95 -1.39
N ALA A 626 2.37 29.15 -0.57
CA ALA A 626 3.59 28.36 -0.67
C ALA A 626 3.77 27.50 0.57
N VAL A 627 4.72 26.57 0.48
CA VAL A 627 5.06 25.72 1.61
C VAL A 627 5.50 26.57 2.79
N THR A 628 5.11 26.15 4.00
CA THR A 628 5.61 26.74 5.23
C THR A 628 6.58 25.76 5.87
N PHE A 629 7.85 26.16 5.98
CA PHE A 629 8.87 25.41 6.68
C PHE A 629 9.02 25.99 8.09
N ASP A 630 8.80 25.15 9.10
CA ASP A 630 8.91 25.56 10.50
C ASP A 630 9.72 24.49 11.23
N PRO A 631 11.00 24.74 11.55
CA PRO A 631 11.77 25.98 11.35
C PRO A 631 11.99 26.36 9.89
N PRO A 632 12.23 27.65 9.64
CA PRO A 632 12.40 28.11 8.25
C PRO A 632 13.60 27.45 7.57
N LEU A 633 13.51 27.39 6.24
CA LEU A 633 14.63 27.06 5.38
C LEU A 633 14.98 28.28 4.53
N THR A 634 16.27 28.47 4.29
CA THR A 634 16.69 29.53 3.39
C THR A 634 16.31 29.18 1.95
N ALA A 635 16.45 30.17 1.06
CA ALA A 635 16.22 29.91 -0.37
C ALA A 635 17.18 28.86 -0.89
N GLU A 636 18.43 28.87 -0.43
CA GLU A 636 19.40 27.88 -0.88
C GLU A 636 19.09 26.49 -0.33
N GLU A 637 18.72 26.40 0.95
CA GLU A 637 18.37 25.11 1.54
C GLU A 637 17.13 24.53 0.88
N GLU A 638 16.18 25.39 0.52
CA GLU A 638 14.96 24.92 -0.13
C GLU A 638 15.26 24.47 -1.56
N ALA A 639 16.11 25.21 -2.28
CA ALA A 639 16.53 24.78 -3.60
C ALA A 639 17.27 23.45 -3.54
N LEU A 640 18.10 23.27 -2.50
CA LEU A 640 18.87 22.05 -2.35
C LEU A 640 17.98 20.84 -2.10
N LEU A 641 17.00 20.98 -1.19
CA LEU A 641 16.05 19.90 -0.94
C LEU A 641 15.38 19.45 -2.24
N TYR A 642 14.84 20.39 -3.00
CA TYR A 642 14.18 20.05 -4.25
C TYR A 642 15.16 19.44 -5.25
N ALA A 643 16.40 19.96 -5.30
CA ALA A 643 17.38 19.45 -6.26
C ALA A 643 17.66 17.98 -6.06
N ALA A 644 17.61 17.50 -4.81
CA ALA A 644 17.94 16.10 -4.53
C ALA A 644 16.85 15.14 -5.00
N TRP A 645 15.62 15.62 -5.19
CA TRP A 645 14.49 14.74 -5.46
C TRP A 645 13.95 14.84 -6.87
N ASN A 646 14.35 15.83 -7.66
CA ASN A 646 13.88 15.86 -9.03
C ASN A 646 14.67 14.89 -9.90
N THR A 647 15.98 14.82 -9.66
CA THR A 647 16.87 13.96 -10.44
C THR A 647 16.91 12.57 -9.82
N ALA A 648 16.71 11.56 -10.66
CA ALA A 648 16.93 10.18 -10.25
C ALA A 648 18.25 9.69 -10.81
N PRO A 649 19.12 9.08 -10.00
CA PRO A 649 20.48 8.80 -10.46
C PRO A 649 20.62 7.50 -11.23
N LYS A 650 21.30 7.55 -12.38
CA LYS A 650 21.75 6.31 -12.99
C LYS A 650 22.75 5.64 -12.05
N TYR A 651 22.66 4.32 -11.95
CA TYR A 651 23.39 3.62 -10.91
C TYR A 651 24.83 3.33 -11.35
N ASP A 652 25.76 3.49 -10.41
CA ASP A 652 27.12 3.04 -10.59
C ASP A 652 27.25 1.65 -9.99
N PRO A 653 27.67 0.64 -10.75
CA PRO A 653 27.80 -0.72 -10.18
C PRO A 653 28.75 -0.81 -9.00
N SER A 654 29.47 0.27 -8.66
CA SER A 654 30.51 0.23 -7.63
C SER A 654 30.07 0.78 -6.28
N LYS A 655 29.30 1.88 -6.26
CA LYS A 655 28.90 2.46 -4.98
C LYS A 655 27.91 1.55 -4.27
N GLU A 656 28.06 1.44 -2.95
CA GLU A 656 27.20 0.54 -2.19
C GLU A 656 25.89 1.22 -1.82
N LEU A 657 24.84 0.43 -1.77
CA LEU A 657 23.52 0.93 -1.42
C LEU A 657 23.52 1.51 -0.01
N LYS A 658 23.01 2.73 0.11
CA LYS A 658 22.77 3.33 1.42
C LYS A 658 21.43 2.86 1.96
N LEU A 659 21.44 2.35 3.20
CA LEU A 659 20.31 1.66 3.79
C LEU A 659 19.28 2.63 4.35
N PRO A 660 18.00 2.25 4.35
CA PRO A 660 16.96 3.12 4.92
C PRO A 660 16.98 3.22 6.43
N THR A 661 17.54 2.23 7.12
CA THR A 661 17.46 2.10 8.57
C THR A 661 18.51 2.97 9.26
N PRO A 662 18.35 3.22 10.57
CA PRO A 662 19.30 4.11 11.27
C PRO A 662 20.71 3.54 11.29
N THR A 663 21.68 4.44 11.45
CA THR A 663 23.08 4.05 11.51
C THR A 663 23.35 3.22 12.76
N ARG A 664 24.11 2.12 12.57
CA ARG A 664 24.52 1.30 13.69
C ARG A 664 25.42 2.10 14.64
N PRO A 665 25.37 1.83 15.94
CA PRO A 665 26.30 2.52 16.85
C PRO A 665 27.73 2.06 16.70
N ALA A 666 27.96 0.76 16.53
CA ALA A 666 29.29 0.16 16.33
C ALA A 666 30.47 0.89 16.99
PA FAD B . -4.81 -9.62 -4.16
O1A FAD B . -4.91 -8.16 -4.35
O2A FAD B . -5.72 -10.32 -3.15
O5B FAD B . -4.94 -10.26 -5.58
C5B FAD B . -4.95 -11.69 -5.77
C4B FAD B . -5.59 -11.91 -7.12
O4B FAD B . -5.53 -13.30 -7.50
C3B FAD B . -7.07 -11.49 -7.23
O3B FAD B . -7.18 -10.45 -8.21
C2B FAD B . -7.78 -12.79 -7.61
O2B FAD B . -8.88 -12.62 -8.52
C1B FAD B . -6.66 -13.55 -8.30
N9A FAD B . -6.84 -14.99 -8.41
C8A FAD B . -7.14 -15.87 -7.39
N7A FAD B . -7.21 -17.12 -7.78
C5A FAD B . -6.95 -17.06 -9.14
C6A FAD B . -6.88 -18.05 -10.14
N6A FAD B . -7.08 -19.36 -9.90
N1A FAD B . -6.58 -17.66 -11.39
C2A FAD B . -6.39 -16.36 -11.64
N3A FAD B . -6.42 -15.34 -10.78
C4A FAD B . -6.72 -15.76 -9.54
N1 FAD B . -2.31 -2.88 2.42
C2 FAD B . -1.81 -1.63 2.23
O2 FAD B . -0.76 -1.44 1.61
N3 FAD B . -2.48 -0.53 2.75
C4 FAD B . -3.64 -0.55 3.47
O4 FAD B . -4.13 0.50 3.86
C4X FAD B . -4.17 -1.89 3.69
N5 FAD B . -5.29 -2.02 4.36
C5X FAD B . -5.79 -3.31 4.56
C6 FAD B . -6.97 -3.46 5.28
C7 FAD B . -7.51 -4.73 5.51
C7M FAD B . -8.79 -4.87 6.30
C8 FAD B . -6.86 -5.86 4.98
C8M FAD B . -7.42 -7.24 5.19
C9 FAD B . -5.69 -5.70 4.25
C9A FAD B . -5.15 -4.44 4.04
N10 FAD B . -3.95 -4.25 3.32
C10 FAD B . -3.44 -2.99 3.11
C1' FAD B . -3.27 -5.38 2.70
C2' FAD B . -3.64 -5.50 1.21
O2' FAD B . -5.05 -5.59 1.05
C3' FAD B . -2.94 -6.71 0.59
O3' FAD B . -1.59 -6.73 1.03
C4' FAD B . -2.91 -6.71 -0.95
O4' FAD B . -4.17 -6.27 -1.48
C5' FAD B . -2.55 -8.06 -1.52
O5' FAD B . -2.22 -7.92 -2.92
P FAD B . -1.97 -9.18 -3.82
O1P FAD B . -1.77 -8.74 -5.27
O2P FAD B . -0.86 -9.95 -3.16
O3P FAD B . -3.32 -10.01 -3.72
CD CD C . -12.51 7.93 -32.80
CD CD D . 8.19 -4.13 35.14
CD CD E . 2.85 8.24 36.60
CD CD F . -2.24 15.86 12.19
ZN ZN G . -11.06 21.51 -6.36
S SO4 H . -15.08 -13.28 16.69
O1 SO4 H . -15.86 -14.36 16.09
O2 SO4 H . -15.35 -13.22 18.13
O3 SO4 H . -13.65 -13.54 16.46
O4 SO4 H . -15.46 -12.01 16.09
S SO4 I . -20.11 18.89 3.39
O1 SO4 I . -21.21 19.64 2.80
O2 SO4 I . -20.65 17.94 4.37
O3 SO4 I . -19.21 19.81 4.06
O4 SO4 I . -19.41 18.16 2.32
S SO4 J . -6.26 -21.85 9.75
O1 SO4 J . -7.15 -21.83 8.60
O2 SO4 J . -6.57 -20.73 10.62
O3 SO4 J . -6.45 -23.10 10.48
O4 SO4 J . -4.88 -21.78 9.28
S SO4 K . -9.93 21.70 -16.08
O1 SO4 K . -10.65 22.58 -17.00
O2 SO4 K . -10.83 21.19 -15.06
O3 SO4 K . -8.85 22.47 -15.45
O4 SO4 K . -9.35 20.59 -16.83
S SO4 L . 2.67 -18.06 -29.08
O1 SO4 L . 1.22 -18.27 -29.07
O2 SO4 L . 2.98 -16.71 -28.60
O3 SO4 L . 3.34 -19.02 -28.22
O4 SO4 L . 3.16 -18.20 -30.45
S SO4 M . -3.24 2.94 38.33
O1 SO4 M . -4.59 2.77 38.85
O2 SO4 M . -3.29 3.12 36.88
O3 SO4 M . -2.44 1.76 38.65
O4 SO4 M . -2.62 4.12 38.95
S SO4 N . -4.18 6.88 35.25
O1 SO4 N . -4.87 5.61 35.44
O2 SO4 N . -5.15 7.98 35.29
O3 SO4 N . -3.20 7.07 36.32
O4 SO4 N . -3.49 6.89 33.97
CL CL O . -0.01 4.07 6.25
N IM7 P . 9.65 14.63 3.84
C IM7 P . 10.58 15.18 3.03
O IM7 P . 10.43 16.25 2.48
C1 IM7 P . 11.82 14.31 2.89
C10 IM7 P . 7.38 8.51 8.16
C11 IM7 P . 8.08 8.18 7.01
C12 IM7 P . 8.51 9.21 6.19
C13 IM7 P . 9.49 10.48 4.62
C14 IM7 P . 10.38 10.85 3.46
C15 IM7 P . 11.80 10.42 3.82
C16 IM7 P . 9.93 10.03 2.24
C17 IM7 P . 11.31 13.57 5.20
C18 IM7 P . 12.93 15.36 4.56
C19 IM7 P . 13.75 15.67 3.33
C2 IM7 P . 11.37 12.96 2.30
C20 IM7 P . 13.00 15.01 2.19
C3 IM7 P . 10.25 12.39 3.20
C4 IM7 P . 10.01 13.33 4.43
C5 IM7 P . 8.81 12.82 5.25
C6 IM7 P . 8.86 11.33 5.46
C7 IM7 P . 8.23 10.55 6.48
C8 IM7 P . 7.52 10.86 7.63
C9 IM7 P . 7.12 9.82 8.46
N1 IM7 P . 9.28 9.17 5.04
N2 IM7 P . 12.32 14.06 4.27
CL IM7 P . 6.32 10.22 9.96
N IM7 Q . 26.33 -6.18 -6.37
C IM7 Q . 27.61 -5.79 -6.28
O IM7 Q . 28.38 -5.74 -7.22
C1 IM7 Q . 27.97 -5.40 -4.84
C10 IM7 Q . 19.60 -8.32 -3.01
C11 IM7 Q . 20.72 -8.48 -2.21
C12 IM7 Q . 21.96 -8.09 -2.70
C13 IM7 Q . 24.12 -7.61 -3.04
C14 IM7 Q . 25.61 -7.47 -2.79
C15 IM7 Q . 25.77 -6.39 -1.70
C16 IM7 Q . 26.18 -8.79 -2.24
C17 IM7 Q . 25.60 -4.71 -4.65
C18 IM7 Q . 27.48 -3.20 -5.14
C19 IM7 Q . 28.98 -3.21 -4.92
C2 IM7 Q . 27.78 -6.65 -3.97
C20 IM7 Q . 29.34 -4.69 -4.73
C3 IM7 Q . 26.31 -7.12 -4.14
C4 IM7 Q . 25.55 -6.17 -5.13
C5 IM7 Q . 24.15 -6.73 -5.42
C6 IM7 Q . 23.47 -7.26 -4.19
C7 IM7 Q . 22.09 -7.54 -4.00
C8 IM7 Q . 20.96 -7.39 -4.78
C9 IM7 Q . 19.73 -7.78 -4.27
N1 IM7 Q . 23.22 -8.12 -2.13
N2 IM7 Q . 27.00 -4.37 -4.41
CL IM7 Q . 18.31 -7.52 -5.25
#